data_7E0N
#
_entry.id   7E0N
#
_cell.length_a   64.798
_cell.length_b   99.854
_cell.length_c   207.236
_cell.angle_alpha   90.000
_cell.angle_beta   90.000
_cell.angle_gamma   90.000
#
_symmetry.space_group_name_H-M   'P 21 21 2'
#
loop_
_entity.id
_entity.type
_entity.pdbx_description
1 polymer 'Thermostable monoacylglycerol lipase,Lipase'
2 non-polymer GLYCEROL
3 water water
#
_entity_poly.entity_id   1
_entity_poly.type   'polypeptide(L)'
_entity_poly.pdbx_seq_one_letter_code
;MTETYPVVKGAEPFFFEGNDIGILVLHGFTGSPQSMRPLGEAYHEAGYTVCGPRLKGHGTHYEDMEKTTCQDWIDSVEAG
YEWLKNRCGTIFVTGLSMGGTLTLYMAEHHPEICGIAPINAAINMPALAGALAGVGDLPRFLDAIGSDIKKPGVKELAYE
KTPVKSIGEITELMKKVKGDLEKVNCPALIFVSKEDHVVPPSNSQEIYSSIKSAAKELVTLDNSYHVATLDNDQDIIIER
TLHFLQRVLETSSLQGLEHHHHHH
;
_entity_poly.pdbx_strand_id   A,B,C,D
#
loop_
_chem_comp.id
_chem_comp.type
_chem_comp.name
_chem_comp.formula
GOL non-polymer GLYCEROL 'C3 H8 O3'
#
# COMPACT_ATOMS: atom_id res chain seq x y z
N MET A 1 -24.08 -15.79 5.57
CA MET A 1 -23.60 -17.18 5.62
C MET A 1 -23.59 -17.62 7.07
N THR A 2 -23.46 -18.92 7.30
CA THR A 2 -23.16 -19.49 8.61
C THR A 2 -21.93 -20.38 8.48
N GLU A 3 -21.02 -20.29 9.45
CA GLU A 3 -19.82 -21.12 9.43
C GLU A 3 -20.17 -22.59 9.59
N THR A 4 -19.56 -23.44 8.76
CA THR A 4 -19.72 -24.89 8.82
C THR A 4 -18.65 -25.54 9.71
N TYR A 5 -17.46 -24.89 9.85
CA TYR A 5 -16.39 -25.51 10.59
C TYR A 5 -16.21 -24.88 11.97
N PRO A 6 -15.75 -25.68 12.94
CA PRO A 6 -15.48 -25.12 14.28
C PRO A 6 -14.23 -24.25 14.26
N VAL A 7 -14.10 -23.44 15.31
CA VAL A 7 -12.93 -22.58 15.47
C VAL A 7 -11.71 -23.41 15.78
N VAL A 8 -10.63 -23.18 15.03
CA VAL A 8 -9.38 -23.90 15.23
C VAL A 8 -8.77 -23.52 16.57
N LYS A 9 -8.12 -24.49 17.23
CA LYS A 9 -7.50 -24.21 18.52
C LYS A 9 -6.47 -23.10 18.34
N GLY A 10 -6.56 -22.09 19.19
CA GLY A 10 -5.71 -20.93 19.12
C GLY A 10 -6.32 -19.73 18.42
N ALA A 11 -7.42 -19.92 17.68
CA ALA A 11 -8.05 -18.83 16.92
C ALA A 11 -9.23 -18.21 17.66
N GLU A 12 -9.40 -18.52 18.95
CA GLU A 12 -10.56 -18.04 19.67
C GLU A 12 -10.46 -16.54 19.90
N PRO A 13 -11.58 -15.83 19.88
CA PRO A 13 -11.58 -14.41 20.26
C PRO A 13 -11.29 -14.27 21.74
N PHE A 14 -10.89 -13.07 22.14
CA PHE A 14 -10.64 -12.84 23.55
C PHE A 14 -11.54 -11.74 24.10
N PHE A 15 -12.12 -11.99 25.28
CA PHE A 15 -12.99 -11.04 25.95
C PHE A 15 -12.44 -10.93 27.38
N PHE A 16 -11.52 -9.98 27.60
CA PHE A 16 -10.86 -9.82 28.89
C PHE A 16 -11.53 -8.69 29.68
N GLU A 17 -12.13 -9.05 30.82
CA GLU A 17 -12.82 -8.10 31.68
C GLU A 17 -11.81 -7.31 32.50
N GLY A 18 -11.83 -5.98 32.36
CA GLY A 18 -10.94 -5.13 33.11
C GLY A 18 -11.66 -3.90 33.61
N ASN A 19 -11.03 -2.73 33.52
CA ASN A 19 -11.59 -1.50 34.06
C ASN A 19 -12.51 -0.83 33.04
N ASP A 20 -12.83 0.45 33.29
CA ASP A 20 -13.84 1.21 32.55
C ASP A 20 -13.34 1.68 31.19
N ILE A 21 -12.10 1.35 30.84
CA ILE A 21 -11.49 1.75 29.56
C ILE A 21 -11.31 0.49 28.70
N GLY A 22 -11.82 0.54 27.47
CA GLY A 22 -11.86 -0.63 26.58
C GLY A 22 -10.95 -0.47 25.39
N ILE A 23 -10.25 -1.55 25.03
CA ILE A 23 -9.42 -1.62 23.82
C ILE A 23 -10.01 -2.67 22.90
N LEU A 24 -10.38 -2.26 21.69
CA LEU A 24 -10.82 -3.17 20.64
C LEU A 24 -9.62 -3.52 19.75
N VAL A 25 -9.33 -4.82 19.58
CA VAL A 25 -8.08 -5.29 18.97
C VAL A 25 -8.45 -6.18 17.78
N LEU A 26 -8.11 -5.75 16.55
CA LEU A 26 -8.68 -6.29 15.32
C LEU A 26 -7.63 -7.01 14.48
N HIS A 27 -7.95 -8.23 14.04
CA HIS A 27 -7.07 -9.02 13.19
C HIS A 27 -7.42 -8.81 11.72
N GLY A 28 -6.60 -9.38 10.82
CA GLY A 28 -6.68 -9.11 9.41
C GLY A 28 -7.21 -10.24 8.54
N PHE A 29 -7.14 -9.99 7.23
CA PHE A 29 -7.75 -10.80 6.17
C PHE A 29 -7.01 -12.14 6.04
N THR A 30 -7.76 -13.24 6.14
CA THR A 30 -7.32 -14.65 6.26
C THR A 30 -6.70 -14.95 7.62
N GLY A 31 -6.55 -13.96 8.50
CA GLY A 31 -5.91 -14.16 9.79
C GLY A 31 -6.91 -14.54 10.87
N SER A 32 -6.52 -14.33 12.13
CA SER A 32 -7.35 -14.72 13.27
C SER A 32 -6.89 -13.94 14.49
N PRO A 33 -7.62 -14.04 15.62
CA PRO A 33 -7.18 -13.36 16.85
C PRO A 33 -5.83 -13.85 17.38
N GLN A 34 -5.32 -14.98 16.88
CA GLN A 34 -4.03 -15.50 17.34
C GLN A 34 -2.91 -14.50 17.11
N SER A 35 -2.97 -13.75 15.98
CA SER A 35 -1.94 -12.77 15.70
C SER A 35 -2.01 -11.56 16.64
N MET A 36 -3.14 -11.36 17.31
CA MET A 36 -3.41 -10.19 18.15
C MET A 36 -3.39 -10.52 19.63
N ARG A 37 -3.48 -11.80 20.00
CA ARG A 37 -3.64 -12.15 21.41
C ARG A 37 -2.46 -11.69 22.29
N PRO A 38 -1.20 -11.76 21.87
CA PRO A 38 -0.14 -11.20 22.74
C PRO A 38 -0.36 -9.73 23.09
N LEU A 39 -0.82 -8.92 22.13
CA LEU A 39 -1.17 -7.53 22.42
C LEU A 39 -2.31 -7.45 23.42
N GLY A 40 -3.39 -8.21 23.19
CA GLY A 40 -4.54 -8.19 24.08
C GLY A 40 -4.18 -8.55 25.51
N GLU A 41 -3.36 -9.59 25.67
CA GLU A 41 -2.92 -9.99 27.00
C GLU A 41 -2.15 -8.86 27.67
N ALA A 42 -1.23 -8.23 26.95
CA ALA A 42 -0.47 -7.13 27.52
C ALA A 42 -1.38 -5.98 27.93
N TYR A 43 -2.36 -5.63 27.09
CA TYR A 43 -3.24 -4.51 27.43
C TYR A 43 -4.12 -4.85 28.62
N HIS A 44 -4.58 -6.10 28.71
CA HIS A 44 -5.38 -6.50 29.87
C HIS A 44 -4.54 -6.46 31.14
N GLU A 45 -3.27 -6.86 31.06
CA GLU A 45 -2.39 -6.84 32.23
C GLU A 45 -2.18 -5.42 32.74
N ALA A 46 -2.29 -4.43 31.85
CA ALA A 46 -2.24 -3.02 32.26
C ALA A 46 -3.56 -2.56 32.88
N GLY A 47 -4.59 -3.41 32.89
CA GLY A 47 -5.84 -3.12 33.57
C GLY A 47 -7.04 -2.93 32.67
N TYR A 48 -6.82 -2.76 31.37
CA TYR A 48 -7.91 -2.43 30.46
C TYR A 48 -8.85 -3.60 30.22
N THR A 49 -10.12 -3.29 29.95
CA THR A 49 -11.00 -4.25 29.30
C THR A 49 -10.57 -4.38 27.84
N VAL A 50 -10.49 -5.61 27.33
CA VAL A 50 -9.99 -5.84 25.98
C VAL A 50 -10.95 -6.77 25.23
N CYS A 51 -11.29 -6.41 23.99
CA CYS A 51 -12.04 -7.30 23.12
C CYS A 51 -11.26 -7.54 21.83
N GLY A 52 -10.93 -8.80 21.54
CA GLY A 52 -10.31 -9.20 20.30
C GLY A 52 -11.21 -10.13 19.53
N PRO A 53 -12.12 -9.56 18.73
CA PRO A 53 -13.15 -10.36 18.07
C PRO A 53 -12.56 -11.19 16.92
N ARG A 54 -13.28 -12.27 16.60
CA ARG A 54 -12.97 -13.13 15.46
C ARG A 54 -13.84 -12.71 14.28
N LEU A 55 -13.21 -12.26 13.20
CA LEU A 55 -13.98 -11.88 12.02
C LEU A 55 -14.73 -13.11 11.49
N LYS A 56 -15.97 -12.89 11.07
CA LYS A 56 -16.77 -13.98 10.53
C LYS A 56 -16.02 -14.69 9.40
N GLY A 57 -16.06 -16.02 9.45
CA GLY A 57 -15.40 -16.84 8.44
C GLY A 57 -13.90 -16.99 8.62
N HIS A 58 -13.34 -16.40 9.66
CA HIS A 58 -11.91 -16.48 9.98
C HIS A 58 -11.71 -17.40 11.18
N GLY A 59 -10.56 -18.08 11.20
CA GLY A 59 -10.25 -19.00 12.27
C GLY A 59 -11.03 -20.30 12.23
N THR A 60 -11.66 -20.61 11.10
CA THR A 60 -12.42 -21.85 10.96
C THR A 60 -11.88 -22.62 9.75
N HIS A 61 -12.27 -22.21 8.56
CA HIS A 61 -11.85 -22.85 7.31
C HIS A 61 -11.96 -21.82 6.20
N TYR A 62 -11.06 -21.91 5.21
CA TYR A 62 -11.11 -20.89 4.16
C TYR A 62 -12.37 -21.04 3.31
N GLU A 63 -13.00 -22.21 3.30
CA GLU A 63 -14.29 -22.33 2.64
C GLU A 63 -15.36 -21.49 3.34
N ASP A 64 -15.27 -21.34 4.67
CA ASP A 64 -16.17 -20.43 5.36
C ASP A 64 -15.88 -19.00 4.93
N MET A 65 -14.60 -18.62 4.94
CA MET A 65 -14.25 -17.26 4.57
C MET A 65 -14.74 -16.91 3.18
N GLU A 66 -14.63 -17.87 2.25
CA GLU A 66 -15.04 -17.63 0.87
C GLU A 66 -16.48 -17.12 0.79
N LYS A 67 -17.34 -17.53 1.73
CA LYS A 67 -18.75 -17.14 1.72
C LYS A 67 -19.03 -15.80 2.40
N THR A 68 -18.05 -15.18 3.06
CA THR A 68 -18.34 -13.98 3.84
C THR A 68 -18.18 -12.71 3.01
N THR A 69 -18.73 -11.62 3.54
CA THR A 69 -18.74 -10.33 2.91
C THR A 69 -18.03 -9.30 3.78
N CYS A 70 -17.67 -8.17 3.17
N CYS A 70 -17.67 -8.16 3.14
CA CYS A 70 -17.05 -7.15 4.01
CA CYS A 70 -17.13 -7.02 3.86
C CYS A 70 -18.03 -6.61 5.05
C CYS A 70 -18.03 -6.61 5.02
N GLN A 71 -19.34 -6.63 4.78
CA GLN A 71 -20.30 -6.27 5.82
C GLN A 71 -20.28 -7.26 6.98
N ASP A 72 -20.12 -8.57 6.70
CA ASP A 72 -19.94 -9.54 7.79
C ASP A 72 -18.77 -9.16 8.69
N TRP A 73 -17.64 -8.75 8.10
CA TRP A 73 -16.47 -8.43 8.90
C TRP A 73 -16.73 -7.16 9.71
N ILE A 74 -17.33 -6.15 9.07
CA ILE A 74 -17.74 -4.95 9.81
C ILE A 74 -18.64 -5.34 10.97
N ASP A 75 -19.58 -6.27 10.74
CA ASP A 75 -20.52 -6.66 11.80
C ASP A 75 -19.80 -7.33 12.96
N SER A 76 -18.78 -8.13 12.69
CA SER A 76 -18.00 -8.75 13.77
C SER A 76 -17.32 -7.68 14.62
N VAL A 77 -16.77 -6.67 13.94
CA VAL A 77 -16.07 -5.58 14.61
C VAL A 77 -17.04 -4.77 15.47
N GLU A 78 -18.17 -4.39 14.88
CA GLU A 78 -19.18 -3.59 15.57
C GLU A 78 -19.73 -4.34 16.79
N ALA A 79 -19.87 -5.67 16.68
CA ALA A 79 -20.34 -6.44 17.84
C ALA A 79 -19.32 -6.42 18.97
N GLY A 80 -18.02 -6.52 18.64
CA GLY A 80 -17.00 -6.37 19.68
C GLY A 80 -17.03 -4.98 20.30
N TYR A 81 -17.24 -3.96 19.48
CA TYR A 81 -17.34 -2.59 19.96
C TYR A 81 -18.53 -2.43 20.91
N GLU A 82 -19.67 -3.03 20.56
CA GLU A 82 -20.86 -2.97 21.42
C GLU A 82 -20.64 -3.71 22.73
N TRP A 83 -19.92 -4.83 22.71
CA TRP A 83 -19.59 -5.50 23.97
C TRP A 83 -18.80 -4.56 24.88
N LEU A 84 -17.80 -3.88 24.31
CA LEU A 84 -17.02 -2.93 25.09
C LEU A 84 -17.88 -1.79 25.61
N LYS A 85 -18.75 -1.24 24.76
CA LYS A 85 -19.58 -0.11 25.16
C LYS A 85 -20.51 -0.49 26.30
N ASN A 86 -20.90 -1.77 26.39
CA ASN A 86 -21.74 -2.20 27.50
C ASN A 86 -21.04 -2.10 28.85
N ARG A 87 -19.70 -2.11 28.87
CA ARG A 87 -19.00 -2.08 30.15
C ARG A 87 -17.92 -1.01 30.26
N CYS A 88 -17.73 -0.16 29.25
CA CYS A 88 -16.65 0.82 29.25
C CYS A 88 -17.17 2.18 28.79
N GLY A 89 -16.62 3.24 29.37
CA GLY A 89 -17.01 4.58 28.95
C GLY A 89 -16.07 5.24 27.95
N THR A 90 -14.88 4.69 27.80
CA THR A 90 -13.81 5.21 26.95
C THR A 90 -13.28 4.05 26.12
N ILE A 91 -13.24 4.20 24.80
CA ILE A 91 -12.83 3.10 23.93
C ILE A 91 -11.77 3.54 22.92
N PHE A 92 -10.73 2.72 22.79
CA PHE A 92 -9.66 2.83 21.80
C PHE A 92 -9.75 1.64 20.85
N VAL A 93 -9.24 1.79 19.63
CA VAL A 93 -9.23 0.68 18.66
C VAL A 93 -7.84 0.56 18.06
N THR A 94 -7.36 -0.67 17.90
CA THR A 94 -6.09 -0.98 17.27
C THR A 94 -6.29 -2.22 16.41
N GLY A 95 -5.48 -2.37 15.37
CA GLY A 95 -5.66 -3.52 14.52
C GLY A 95 -4.55 -3.63 13.50
N LEU A 96 -4.35 -4.86 13.01
CA LEU A 96 -3.30 -5.22 12.07
C LEU A 96 -3.85 -5.42 10.66
N SER A 97 -3.28 -4.71 9.69
CA SER A 97 -3.50 -4.94 8.27
C SER A 97 -4.95 -4.60 7.94
N MET A 98 -5.79 -5.56 7.49
CA MET A 98 -7.20 -5.21 7.32
C MET A 98 -7.86 -4.90 8.67
N GLY A 99 -7.33 -5.42 9.78
CA GLY A 99 -7.80 -4.96 11.09
C GLY A 99 -7.47 -3.50 11.31
N GLY A 100 -6.34 -3.05 10.77
CA GLY A 100 -6.04 -1.63 10.77
C GLY A 100 -6.97 -0.84 9.86
N THR A 101 -7.30 -1.41 8.69
CA THR A 101 -8.34 -0.80 7.86
C THR A 101 -9.64 -0.68 8.65
N LEU A 102 -10.00 -1.73 9.41
CA LEU A 102 -11.24 -1.68 10.15
C LEU A 102 -11.12 -0.72 11.32
N THR A 103 -9.90 -0.56 11.86
CA THR A 103 -9.67 0.45 12.89
C THR A 103 -10.02 1.83 12.34
N LEU A 104 -9.51 2.13 11.13
CA LEU A 104 -9.82 3.42 10.52
C LEU A 104 -11.32 3.53 10.25
N TYR A 105 -11.93 2.44 9.75
CA TYR A 105 -13.37 2.43 9.53
C TYR A 105 -14.12 2.88 10.79
N MET A 106 -13.74 2.31 11.94
CA MET A 106 -14.46 2.62 13.17
C MET A 106 -14.31 4.09 13.53
N ALA A 107 -13.09 4.62 13.38
CA ALA A 107 -12.90 6.04 13.67
C ALA A 107 -13.69 6.90 12.71
N GLU A 108 -13.90 6.41 11.48
CA GLU A 108 -14.63 7.18 10.49
C GLU A 108 -16.12 7.23 10.82
N HIS A 109 -16.62 6.25 11.58
CA HIS A 109 -18.06 6.13 11.78
C HIS A 109 -18.48 6.38 13.22
N HIS A 110 -17.54 6.48 14.15
CA HIS A 110 -17.83 6.58 15.57
C HIS A 110 -17.00 7.68 16.20
N PRO A 111 -17.52 8.92 16.24
CA PRO A 111 -16.73 10.05 16.78
C PRO A 111 -16.46 9.92 18.26
N GLU A 112 -17.09 8.98 18.95
CA GLU A 112 -16.87 8.79 20.38
C GLU A 112 -15.53 8.10 20.67
N ILE A 113 -14.96 7.41 19.68
CA ILE A 113 -13.71 6.69 19.89
C ILE A 113 -12.60 7.67 20.23
N CYS A 114 -11.83 7.36 21.27
CA CYS A 114 -10.89 8.31 21.83
C CYS A 114 -9.50 8.25 21.22
N GLY A 115 -9.15 7.17 20.51
CA GLY A 115 -7.88 7.13 19.80
C GLY A 115 -7.75 5.80 19.11
N ILE A 116 -6.84 5.76 18.13
CA ILE A 116 -6.65 4.58 17.29
C ILE A 116 -5.17 4.30 17.10
N ALA A 117 -4.84 3.01 16.91
CA ALA A 117 -3.47 2.58 16.64
C ALA A 117 -3.45 1.54 15.52
N PRO A 118 -3.58 1.98 14.26
CA PRO A 118 -3.50 1.03 13.14
C PRO A 118 -2.06 0.58 12.94
N ILE A 119 -1.90 -0.69 12.57
CA ILE A 119 -0.58 -1.33 12.39
C ILE A 119 -0.58 -1.92 10.98
N ASN A 120 0.30 -1.42 10.12
CA ASN A 120 0.35 -1.86 8.72
C ASN A 120 -1.03 -1.88 8.08
N ALA A 121 -1.82 -0.83 8.35
CA ALA A 121 -3.18 -0.75 7.79
C ALA A 121 -3.14 -0.64 6.26
N ALA A 122 -4.17 -1.20 5.62
CA ALA A 122 -4.24 -1.31 4.17
C ALA A 122 -5.33 -0.41 3.59
N ILE A 123 -4.95 0.50 2.69
CA ILE A 123 -5.91 1.19 1.84
C ILE A 123 -5.70 0.91 0.36
N ASN A 124 -4.56 0.35 -0.03
CA ASN A 124 -4.26 -0.05 -1.41
C ASN A 124 -3.35 -1.26 -1.39
N MET A 125 -3.77 -2.35 -2.02
CA MET A 125 -3.00 -3.58 -2.09
C MET A 125 -2.92 -4.03 -3.56
N PRO A 126 -1.98 -3.45 -4.33
CA PRO A 126 -1.97 -3.73 -5.79
C PRO A 126 -1.80 -5.19 -6.15
N ALA A 127 -1.07 -5.95 -5.33
CA ALA A 127 -0.87 -7.38 -5.60
C ALA A 127 -2.14 -8.16 -5.34
N LEU A 128 -2.95 -7.73 -4.37
CA LEU A 128 -4.15 -8.48 -4.01
C LEU A 128 -5.36 -8.00 -4.80
N ALA A 129 -5.76 -6.73 -4.60
CA ALA A 129 -6.88 -6.18 -5.36
C ALA A 129 -6.59 -6.26 -6.85
N GLY A 130 -5.34 -6.03 -7.24
CA GLY A 130 -4.98 -6.06 -8.64
C GLY A 130 -5.16 -7.41 -9.29
N ALA A 131 -5.19 -8.49 -8.49
CA ALA A 131 -5.48 -9.80 -9.06
C ALA A 131 -6.76 -9.79 -9.88
N LEU A 132 -7.72 -8.94 -9.52
CA LEU A 132 -9.00 -8.92 -10.23
C LEU A 132 -8.93 -8.17 -11.57
N ALA A 133 -7.80 -7.53 -11.90
CA ALA A 133 -7.72 -6.68 -13.10
C ALA A 133 -7.33 -7.40 -14.39
N GLY A 134 -6.96 -8.67 -14.33
CA GLY A 134 -6.59 -9.41 -15.52
C GLY A 134 -7.77 -9.87 -16.35
N VAL A 135 -7.48 -10.21 -17.60
CA VAL A 135 -8.47 -10.84 -18.47
C VAL A 135 -8.50 -12.33 -18.17
N GLY A 136 -9.67 -12.95 -18.30
CA GLY A 136 -9.75 -14.38 -18.09
C GLY A 136 -9.80 -14.80 -16.64
N ASP A 137 -10.71 -15.73 -16.36
CA ASP A 137 -10.94 -16.34 -15.06
C ASP A 137 -9.68 -16.60 -14.24
N LEU A 138 -9.66 -16.10 -13.00
CA LEU A 138 -8.64 -16.47 -12.02
C LEU A 138 -8.98 -17.83 -11.42
N PRO A 139 -8.01 -18.52 -10.83
CA PRO A 139 -8.34 -19.71 -10.05
C PRO A 139 -9.19 -19.36 -8.84
N ARG A 140 -9.72 -20.39 -8.20
CA ARG A 140 -10.58 -20.19 -7.03
C ARG A 140 -9.81 -19.61 -5.86
N PHE A 141 -8.57 -20.06 -5.65
CA PHE A 141 -7.73 -19.65 -4.53
C PHE A 141 -6.38 -19.15 -5.03
N LEU A 142 -5.83 -18.15 -4.35
CA LEU A 142 -4.43 -17.75 -4.47
C LEU A 142 -3.63 -18.32 -3.32
N ASP A 143 -2.32 -18.18 -3.41
CA ASP A 143 -1.41 -18.55 -2.33
C ASP A 143 -1.80 -17.83 -1.02
N ALA A 144 -1.43 -18.44 0.10
CA ALA A 144 -1.56 -17.79 1.40
C ALA A 144 -0.82 -16.45 1.39
N ILE A 145 -1.32 -15.50 2.18
CA ILE A 145 -0.58 -14.26 2.42
C ILE A 145 0.03 -14.19 3.81
N GLY A 146 -0.29 -15.15 4.68
CA GLY A 146 0.11 -15.09 6.08
C GLY A 146 1.58 -15.33 6.33
N SER A 147 1.97 -15.06 7.58
CA SER A 147 3.31 -15.35 8.13
C SER A 147 4.44 -14.59 7.45
N ASP A 148 4.16 -13.37 6.96
CA ASP A 148 5.25 -12.49 6.55
C ASP A 148 5.86 -11.91 7.82
N ILE A 149 6.86 -12.63 8.34
CA ILE A 149 7.46 -12.37 9.64
C ILE A 149 8.97 -12.45 9.51
N LYS A 150 9.68 -11.47 10.06
CA LYS A 150 11.14 -11.46 9.96
C LYS A 150 11.77 -12.44 10.96
N LYS A 151 11.32 -12.42 12.20
CA LYS A 151 11.81 -13.36 13.21
C LYS A 151 11.67 -14.79 12.72
N PRO A 152 12.73 -15.59 12.72
CA PRO A 152 12.61 -16.95 12.19
C PRO A 152 11.76 -17.81 13.09
N GLY A 153 11.13 -18.82 12.50
CA GLY A 153 10.43 -19.82 13.28
C GLY A 153 9.08 -19.43 13.87
N VAL A 154 8.44 -18.39 13.35
CA VAL A 154 7.14 -17.94 13.88
C VAL A 154 6.11 -18.20 12.78
N LYS A 155 5.05 -18.92 13.10
CA LYS A 155 4.00 -19.21 12.13
C LYS A 155 2.75 -18.48 12.57
N GLU A 156 2.19 -17.64 11.70
CA GLU A 156 0.89 -17.05 11.98
C GLU A 156 -0.21 -18.10 11.82
N LEU A 157 -1.18 -18.10 12.74
CA LEU A 157 -2.39 -18.88 12.53
C LEU A 157 -3.29 -18.12 11.56
N ALA A 158 -3.08 -18.38 10.28
CA ALA A 158 -3.87 -17.81 9.18
C ALA A 158 -4.08 -18.89 8.14
N TYR A 159 -5.02 -18.67 7.22
CA TYR A 159 -5.37 -19.70 6.24
C TYR A 159 -4.24 -19.95 5.25
N GLU A 160 -4.19 -21.18 4.75
CA GLU A 160 -3.17 -21.61 3.79
C GLU A 160 -3.55 -21.30 2.35
N LYS A 161 -4.75 -20.78 2.11
CA LYS A 161 -5.23 -20.36 0.80
C LYS A 161 -5.98 -19.05 0.93
N THR A 162 -5.93 -18.24 -0.11
CA THR A 162 -6.66 -16.97 -0.13
C THR A 162 -7.83 -17.08 -1.10
N PRO A 163 -9.08 -16.98 -0.65
CA PRO A 163 -10.21 -17.10 -1.58
C PRO A 163 -10.31 -15.87 -2.49
N VAL A 164 -10.30 -16.12 -3.80
CA VAL A 164 -10.41 -15.01 -4.74
C VAL A 164 -11.76 -14.31 -4.58
N LYS A 165 -12.81 -15.06 -4.23
CA LYS A 165 -14.10 -14.43 -3.98
C LYS A 165 -13.99 -13.36 -2.88
N SER A 166 -13.15 -13.57 -1.86
CA SER A 166 -13.03 -12.59 -0.77
C SER A 166 -12.27 -11.32 -1.19
N ILE A 167 -11.53 -11.38 -2.30
CA ILE A 167 -10.71 -10.24 -2.68
C ILE A 167 -11.59 -9.04 -3.02
N GLY A 168 -12.71 -9.26 -3.70
CA GLY A 168 -13.62 -8.17 -3.97
C GLY A 168 -14.15 -7.52 -2.70
N GLU A 169 -14.26 -8.30 -1.62
CA GLU A 169 -14.79 -7.80 -0.35
C GLU A 169 -13.77 -6.88 0.31
N ILE A 170 -12.51 -7.33 0.41
CA ILE A 170 -11.51 -6.43 1.00
C ILE A 170 -11.30 -5.20 0.10
N THR A 171 -11.42 -5.36 -1.22
CA THR A 171 -11.27 -4.19 -2.10
C THR A 171 -12.35 -3.16 -1.84
N GLU A 172 -13.60 -3.61 -1.69
CA GLU A 172 -14.69 -2.70 -1.37
C GLU A 172 -14.42 -1.98 -0.05
N LEU A 173 -13.96 -2.74 0.95
CA LEU A 173 -13.66 -2.14 2.25
C LEU A 173 -12.59 -1.06 2.13
N MET A 174 -11.48 -1.38 1.46
CA MET A 174 -10.38 -0.43 1.35
C MET A 174 -10.80 0.83 0.60
N LYS A 175 -11.55 0.68 -0.50
CA LYS A 175 -12.05 1.85 -1.23
C LYS A 175 -12.86 2.76 -0.31
N LYS A 176 -13.79 2.17 0.45
CA LYS A 176 -14.66 2.96 1.33
C LYS A 176 -13.84 3.70 2.40
N VAL A 177 -12.94 2.97 3.08
CA VAL A 177 -12.18 3.59 4.17
C VAL A 177 -11.24 4.66 3.63
N LYS A 178 -10.56 4.37 2.51
CA LYS A 178 -9.68 5.35 1.89
C LYS A 178 -10.45 6.62 1.57
N GLY A 179 -11.65 6.47 0.99
CA GLY A 179 -12.45 7.62 0.63
C GLY A 179 -12.91 8.43 1.83
N ASP A 180 -12.98 7.81 3.02
CA ASP A 180 -13.50 8.51 4.19
C ASP A 180 -12.41 8.93 5.18
N LEU A 181 -11.13 8.85 4.79
CA LEU A 181 -10.06 9.14 5.76
C LEU A 181 -10.15 10.53 6.41
N GLU A 182 -10.75 11.51 5.73
CA GLU A 182 -10.86 12.84 6.36
C GLU A 182 -11.74 12.84 7.61
N LYS A 183 -12.56 11.81 7.80
CA LYS A 183 -13.43 11.73 8.97
C LYS A 183 -12.69 11.21 10.19
N VAL A 184 -11.45 10.74 10.03
CA VAL A 184 -10.66 10.30 11.17
C VAL A 184 -10.17 11.52 11.89
N ASN A 185 -10.45 11.55 13.16
CA ASN A 185 -10.61 12.71 14.09
C ASN A 185 -9.60 12.74 15.17
N CYS A 186 -9.46 11.63 15.72
CA CYS A 186 -9.10 11.32 17.05
C CYS A 186 -7.63 11.12 17.01
N PRO A 187 -6.99 11.19 18.16
CA PRO A 187 -5.57 10.87 18.23
C PRO A 187 -5.26 9.56 17.51
N ALA A 188 -4.15 9.55 16.79
CA ALA A 188 -3.77 8.40 15.98
C ALA A 188 -2.29 8.10 16.15
N LEU A 189 -1.99 6.86 16.51
CA LEU A 189 -0.64 6.31 16.54
C LEU A 189 -0.54 5.25 15.44
N ILE A 190 0.11 5.59 14.34
CA ILE A 190 0.16 4.75 13.15
C ILE A 190 1.49 4.00 13.13
N PHE A 191 1.44 2.67 13.24
CA PHE A 191 2.63 1.84 13.11
C PHE A 191 2.76 1.30 11.69
N VAL A 192 3.99 1.30 11.18
CA VAL A 192 4.23 0.73 9.87
C VAL A 192 5.58 0.06 9.86
N SER A 193 5.63 -1.14 9.29
CA SER A 193 6.91 -1.81 9.08
C SER A 193 7.67 -1.22 7.94
N LYS A 194 8.96 -0.97 8.20
CA LYS A 194 9.89 -0.49 7.18
C LYS A 194 9.82 -1.32 5.91
N GLU A 195 9.89 -2.63 6.09
CA GLU A 195 9.76 -3.63 5.05
C GLU A 195 8.51 -4.42 5.36
N ASP A 196 7.58 -4.40 4.42
CA ASP A 196 6.35 -5.15 4.53
C ASP A 196 6.11 -5.77 3.17
N HIS A 197 6.03 -7.10 3.10
CA HIS A 197 5.86 -7.77 1.81
C HIS A 197 4.40 -8.03 1.46
N VAL A 198 3.45 -7.50 2.24
CA VAL A 198 2.03 -7.74 2.04
C VAL A 198 1.27 -6.45 1.79
N VAL A 199 1.48 -5.45 2.64
CA VAL A 199 0.83 -4.16 2.50
C VAL A 199 1.93 -3.14 2.27
N PRO A 200 1.94 -2.45 1.11
CA PRO A 200 2.99 -1.43 0.85
C PRO A 200 3.09 -0.44 1.99
N PRO A 201 4.28 -0.25 2.55
CA PRO A 201 4.43 0.72 3.66
C PRO A 201 3.94 2.13 3.34
N SER A 202 3.92 2.53 2.06
CA SER A 202 3.43 3.86 1.72
C SER A 202 1.96 4.05 2.12
N ASN A 203 1.18 2.96 2.23
CA ASN A 203 -0.18 3.03 2.78
C ASN A 203 -0.20 3.88 4.04
N SER A 204 0.69 3.55 4.99
CA SER A 204 0.58 4.23 6.29
C SER A 204 0.96 5.69 6.15
N GLN A 205 1.90 6.02 5.26
CA GLN A 205 2.21 7.42 5.04
C GLN A 205 0.99 8.14 4.47
N GLU A 206 0.31 7.53 3.49
CA GLU A 206 -0.88 8.19 2.97
C GLU A 206 -1.94 8.35 4.05
N ILE A 207 -2.10 7.31 4.89
CA ILE A 207 -3.09 7.42 5.96
C ILE A 207 -2.72 8.60 6.85
N TYR A 208 -1.44 8.65 7.23
CA TYR A 208 -1.00 9.72 8.12
C TYR A 208 -1.34 11.09 7.52
N SER A 209 -1.10 11.24 6.21
CA SER A 209 -1.29 12.55 5.59
C SER A 209 -2.76 12.88 5.38
N SER A 210 -3.64 11.87 5.28
CA SER A 210 -5.01 12.15 4.88
C SER A 210 -5.96 12.33 6.06
N ILE A 211 -5.67 11.73 7.21
CA ILE A 211 -6.58 11.89 8.34
C ILE A 211 -6.48 13.32 8.89
N LYS A 212 -7.49 13.72 9.66
CA LYS A 212 -7.58 15.09 10.16
C LYS A 212 -7.26 15.22 11.64
N SER A 213 -6.74 14.16 12.26
CA SER A 213 -6.39 14.18 13.67
C SER A 213 -5.43 15.32 14.02
N ALA A 214 -5.73 16.01 15.12
CA ALA A 214 -4.84 17.06 15.61
C ALA A 214 -3.61 16.47 16.29
N ALA A 215 -3.66 15.23 16.76
CA ALA A 215 -2.55 14.53 17.37
C ALA A 215 -2.32 13.25 16.59
N LYS A 216 -1.22 13.18 15.82
CA LYS A 216 -0.96 11.97 15.06
C LYS A 216 0.54 11.73 15.00
N GLU A 217 0.92 10.45 14.97
CA GLU A 217 2.31 10.03 14.91
C GLU A 217 2.44 8.87 13.95
N LEU A 218 3.56 8.82 13.22
CA LEU A 218 3.93 7.66 12.40
C LEU A 218 5.20 7.05 12.99
N VAL A 219 5.11 5.80 13.42
CA VAL A 219 6.22 5.06 13.99
C VAL A 219 6.59 3.94 13.02
N THR A 220 7.85 3.94 12.59
CA THR A 220 8.36 2.90 11.69
C THR A 220 9.10 1.83 12.47
N LEU A 221 8.72 0.57 12.22
CA LEU A 221 9.30 -0.60 12.86
C LEU A 221 10.41 -1.15 11.97
N ASP A 222 11.64 -1.18 12.49
CA ASP A 222 12.82 -1.46 11.67
C ASP A 222 13.19 -2.94 11.61
N ASN A 223 12.57 -3.79 12.43
CA ASN A 223 13.00 -5.18 12.56
C ASN A 223 11.85 -6.16 12.33
N SER A 224 10.81 -5.76 11.61
CA SER A 224 9.64 -6.59 11.43
C SER A 224 9.17 -6.51 9.99
N TYR A 225 8.53 -7.58 9.53
CA TYR A 225 7.78 -7.53 8.29
C TYR A 225 6.31 -7.30 8.61
N HIS A 226 5.41 -7.85 7.80
CA HIS A 226 4.00 -7.47 7.87
C HIS A 226 3.35 -7.80 9.22
N VAL A 227 3.56 -9.01 9.71
CA VAL A 227 2.79 -9.44 10.89
C VAL A 227 3.58 -9.00 12.12
N ALA A 228 3.66 -7.68 12.31
CA ALA A 228 4.57 -7.12 13.30
C ALA A 228 4.15 -7.47 14.71
N THR A 229 2.86 -7.77 14.91
CA THR A 229 2.38 -8.13 16.23
C THR A 229 2.96 -9.43 16.74
N LEU A 230 3.52 -10.27 15.86
CA LEU A 230 4.15 -11.52 16.22
C LEU A 230 5.65 -11.49 15.98
N ASP A 231 6.21 -10.33 15.64
CA ASP A 231 7.55 -10.22 15.08
C ASP A 231 8.49 -9.57 16.10
N ASN A 232 9.72 -9.26 15.66
CA ASN A 232 10.73 -8.71 16.57
C ASN A 232 10.27 -7.44 17.29
N ASP A 233 9.43 -6.63 16.66
CA ASP A 233 9.09 -5.35 17.29
C ASP A 233 7.76 -5.39 18.04
N GLN A 234 7.25 -6.59 18.35
CA GLN A 234 6.04 -6.72 19.17
C GLN A 234 6.14 -5.86 20.44
N ASP A 235 7.32 -5.89 21.08
CA ASP A 235 7.49 -5.15 22.33
C ASP A 235 7.33 -3.65 22.13
N ILE A 236 7.82 -3.14 21.01
CA ILE A 236 7.68 -1.71 20.74
C ILE A 236 6.22 -1.35 20.50
N ILE A 237 5.49 -2.17 19.75
CA ILE A 237 4.08 -1.91 19.54
C ILE A 237 3.36 -1.82 20.88
N ILE A 238 3.61 -2.81 21.77
CA ILE A 238 2.90 -2.85 23.03
C ILE A 238 3.25 -1.63 23.89
N GLU A 239 4.55 -1.35 24.03
CA GLU A 239 4.97 -0.28 24.93
C GLU A 239 4.48 1.07 24.43
N ARG A 240 4.66 1.34 23.14
CA ARG A 240 4.27 2.64 22.63
C ARG A 240 2.76 2.81 22.63
N THR A 241 2.00 1.72 22.36
CA THR A 241 0.54 1.84 22.47
C THR A 241 0.14 2.16 23.90
N LEU A 242 0.75 1.49 24.88
CA LEU A 242 0.39 1.76 26.28
C LEU A 242 0.69 3.21 26.65
N HIS A 243 1.86 3.72 26.24
CA HIS A 243 2.19 5.11 26.51
C HIS A 243 1.20 6.06 25.84
N PHE A 244 0.82 5.75 24.60
CA PHE A 244 -0.14 6.56 23.86
C PHE A 244 -1.49 6.59 24.57
N LEU A 245 -1.98 5.42 24.95
CA LEU A 245 -3.25 5.31 25.67
C LEU A 245 -3.21 6.16 26.94
N GLN A 246 -2.15 6.01 27.71
CA GLN A 246 -2.03 6.76 28.97
C GLN A 246 -2.00 8.25 28.70
N ARG A 247 -1.28 8.67 27.65
CA ARG A 247 -1.15 10.08 27.36
C ARG A 247 -2.50 10.67 26.97
N VAL A 248 -3.26 9.95 26.14
CA VAL A 248 -4.61 10.41 25.77
C VAL A 248 -5.51 10.49 27.02
N LEU A 249 -5.46 9.47 27.86
CA LEU A 249 -6.29 9.45 29.08
C LEU A 249 -5.93 10.62 30.01
N GLU A 250 -4.64 10.88 30.20
CA GLU A 250 -4.18 11.90 31.16
C GLU A 250 -4.41 13.30 30.62
N THR A 251 -3.89 13.56 29.44
CA THR A 251 -4.09 14.80 28.73
C THR A 251 -5.54 15.09 28.35
N MET B 1 29.18 11.65 -12.55
CA MET B 1 29.58 12.45 -13.71
C MET B 1 28.64 13.63 -13.88
N THR B 2 29.03 14.56 -14.74
CA THR B 2 28.19 15.67 -15.18
C THR B 2 28.24 15.73 -16.71
N GLU B 3 27.08 15.88 -17.35
CA GLU B 3 27.05 15.97 -18.80
C GLU B 3 27.78 17.22 -19.28
N THR B 4 28.60 17.08 -20.34
N THR B 4 28.61 17.07 -20.33
CA THR B 4 29.19 18.25 -20.94
CA THR B 4 29.25 18.22 -20.95
C THR B 4 28.42 18.76 -22.15
C THR B 4 28.50 18.73 -22.17
N TYR B 5 27.61 17.87 -22.82
CA TYR B 5 26.92 18.34 -24.02
C TYR B 5 25.46 18.68 -23.75
N PRO B 6 24.92 19.60 -24.53
CA PRO B 6 23.50 19.96 -24.39
C PRO B 6 22.61 18.85 -24.91
N VAL B 7 21.34 18.91 -24.49
CA VAL B 7 20.33 17.97 -24.97
C VAL B 7 20.02 18.23 -26.44
N VAL B 8 20.08 17.15 -27.23
CA VAL B 8 19.76 17.20 -28.65
C VAL B 8 18.28 17.58 -28.84
N LYS B 9 18.00 18.46 -29.81
CA LYS B 9 16.61 18.75 -30.18
C LYS B 9 15.81 17.48 -30.40
N GLY B 10 14.69 17.35 -29.67
CA GLY B 10 13.81 16.22 -29.77
C GLY B 10 14.01 15.15 -28.71
N ALA B 11 15.10 15.24 -27.94
CA ALA B 11 15.39 14.27 -26.88
C ALA B 11 15.02 14.79 -25.51
N GLU B 12 14.24 15.87 -25.43
CA GLU B 12 13.87 16.42 -24.13
C GLU B 12 12.90 15.51 -23.38
N PRO B 13 13.03 15.44 -22.06
CA PRO B 13 12.06 14.69 -21.25
C PRO B 13 10.70 15.38 -21.33
N PHE B 14 9.65 14.65 -20.97
CA PHE B 14 8.33 15.25 -20.97
C PHE B 14 7.72 15.18 -19.58
N PHE B 15 7.13 16.29 -19.14
CA PHE B 15 6.52 16.44 -17.82
C PHE B 15 5.13 17.02 -18.08
N PHE B 16 4.17 16.16 -18.42
CA PHE B 16 2.82 16.57 -18.78
C PHE B 16 1.96 16.59 -17.52
N GLU B 17 1.56 17.79 -17.09
CA GLU B 17 0.73 17.92 -15.89
C GLU B 17 -0.71 17.53 -16.20
N GLY B 18 -1.24 16.57 -15.44
CA GLY B 18 -2.60 16.09 -15.64
C GLY B 18 -3.29 15.82 -14.32
N ASN B 19 -4.14 14.80 -14.30
CA ASN B 19 -4.96 14.48 -13.14
C ASN B 19 -4.16 13.68 -12.10
N ASP B 20 -4.87 13.10 -11.13
CA ASP B 20 -4.26 12.51 -9.94
C ASP B 20 -3.63 11.15 -10.20
N ILE B 21 -3.68 10.65 -11.44
CA ILE B 21 -3.11 9.37 -11.80
C ILE B 21 -1.91 9.62 -12.71
N GLY B 22 -0.77 9.04 -12.38
CA GLY B 22 0.49 9.31 -13.06
C GLY B 22 1.00 8.09 -13.79
N ILE B 23 1.58 8.31 -14.96
CA ILE B 23 2.24 7.27 -15.73
C ILE B 23 3.69 7.67 -15.95
N LEU B 24 4.59 6.79 -15.56
CA LEU B 24 6.03 6.93 -15.75
C LEU B 24 6.44 6.15 -17.00
N VAL B 25 7.06 6.82 -17.97
CA VAL B 25 7.32 6.26 -19.31
C VAL B 25 8.82 6.30 -19.59
N LEU B 26 9.45 5.13 -19.67
CA LEU B 26 10.92 5.01 -19.62
C LEU B 26 11.52 4.57 -20.95
N HIS B 27 12.56 5.27 -21.37
CA HIS B 27 13.31 4.89 -22.57
C HIS B 27 14.50 3.99 -22.23
N GLY B 28 15.17 3.50 -23.28
CA GLY B 28 16.22 2.52 -23.14
C GLY B 28 17.64 3.02 -23.42
N PHE B 29 18.53 2.04 -23.51
CA PHE B 29 19.99 2.21 -23.55
C PHE B 29 20.43 2.76 -24.91
N THR B 30 21.18 3.86 -24.88
CA THR B 30 21.57 4.72 -26.01
C THR B 30 20.40 5.50 -26.62
N GLY B 31 19.17 5.30 -26.15
CA GLY B 31 18.00 5.97 -26.70
C GLY B 31 17.70 7.27 -25.96
N SER B 32 16.46 7.74 -26.08
CA SER B 32 16.07 9.01 -25.48
C SER B 32 14.55 9.04 -25.33
N PRO B 33 14.01 10.04 -24.63
CA PRO B 33 12.53 10.17 -24.58
C PRO B 33 11.85 10.26 -25.93
N GLN B 34 12.58 10.56 -27.03
CA GLN B 34 11.95 10.69 -28.33
C GLN B 34 11.21 9.41 -28.73
N SER B 35 11.75 8.24 -28.36
CA SER B 35 11.09 6.98 -28.68
C SER B 35 9.82 6.75 -27.87
N MET B 36 9.63 7.51 -26.79
CA MET B 36 8.52 7.32 -25.87
C MET B 36 7.49 8.44 -25.93
N ARG B 37 7.82 9.56 -26.56
CA ARG B 37 6.95 10.73 -26.50
C ARG B 37 5.58 10.50 -27.14
N PRO B 38 5.44 9.75 -28.25
CA PRO B 38 4.08 9.50 -28.76
C PRO B 38 3.17 8.76 -27.78
N LEU B 39 3.72 7.74 -27.08
CA LEU B 39 2.97 7.11 -25.99
C LEU B 39 2.55 8.13 -24.95
N GLY B 40 3.51 8.94 -24.47
CA GLY B 40 3.21 9.93 -23.43
C GLY B 40 2.14 10.92 -23.84
N GLU B 41 2.19 11.37 -25.10
CA GLU B 41 1.16 12.26 -25.60
C GLU B 41 -0.22 11.61 -25.57
N ALA B 42 -0.31 10.37 -26.04
CA ALA B 42 -1.61 9.68 -26.04
C ALA B 42 -2.15 9.52 -24.62
N TYR B 43 -1.28 9.13 -23.70
CA TYR B 43 -1.72 8.93 -22.32
C TYR B 43 -2.17 10.25 -21.70
N HIS B 44 -1.44 11.33 -21.99
CA HIS B 44 -1.87 12.65 -21.52
C HIS B 44 -3.22 13.04 -22.11
N GLU B 45 -3.48 12.68 -23.37
CA GLU B 45 -4.79 12.98 -23.94
C GLU B 45 -5.90 12.27 -23.19
N ALA B 46 -5.58 11.18 -22.48
CA ALA B 46 -6.61 10.60 -21.62
C ALA B 46 -6.80 11.35 -20.29
N GLY B 47 -6.03 12.42 -20.01
CA GLY B 47 -6.15 13.15 -18.76
C GLY B 47 -5.05 12.90 -17.74
N TYR B 48 -4.26 11.84 -17.93
CA TYR B 48 -3.25 11.44 -16.95
C TYR B 48 -2.08 12.40 -16.87
N THR B 49 -1.48 12.47 -15.67
CA THR B 49 -0.16 13.07 -15.53
C THR B 49 0.86 12.08 -16.09
N VAL B 50 1.82 12.59 -16.86
CA VAL B 50 2.77 11.71 -17.54
C VAL B 50 4.18 12.26 -17.34
N CYS B 51 5.12 11.40 -16.96
CA CYS B 51 6.52 11.78 -16.84
C CYS B 51 7.35 10.84 -17.70
N GLY B 52 8.08 11.39 -18.64
CA GLY B 52 9.02 10.63 -19.44
C GLY B 52 10.40 11.19 -19.24
N PRO B 53 11.14 10.65 -18.27
CA PRO B 53 12.44 11.23 -17.91
C PRO B 53 13.51 10.88 -18.93
N ARG B 54 14.55 11.69 -18.94
CA ARG B 54 15.74 11.44 -19.74
C ARG B 54 16.81 10.81 -18.86
N LEU B 55 17.25 9.59 -19.20
CA LEU B 55 18.30 8.96 -18.44
C LEU B 55 19.59 9.77 -18.55
N LYS B 56 20.31 9.86 -17.44
CA LYS B 56 21.58 10.60 -17.42
C LYS B 56 22.50 10.13 -18.55
N GLY B 57 23.12 11.10 -19.22
CA GLY B 57 24.04 10.79 -20.30
C GLY B 57 23.39 10.36 -21.59
N HIS B 58 22.06 10.35 -21.64
CA HIS B 58 21.32 10.02 -22.85
C HIS B 58 20.74 11.29 -23.46
N GLY B 59 20.61 11.29 -24.79
CA GLY B 59 20.08 12.46 -25.46
C GLY B 59 21.02 13.66 -25.52
N THR B 60 22.30 13.47 -25.21
CA THR B 60 23.28 14.54 -25.33
C THR B 60 24.39 14.14 -26.29
N HIS B 61 25.29 13.26 -25.84
CA HIS B 61 26.41 12.77 -26.66
C HIS B 61 26.85 11.43 -26.08
N TYR B 62 27.27 10.50 -26.95
CA TYR B 62 27.67 9.21 -26.40
C TYR B 62 28.91 9.32 -25.51
N GLU B 63 29.67 10.41 -25.61
CA GLU B 63 30.78 10.57 -24.64
C GLU B 63 30.27 10.85 -23.24
N ASP B 64 29.10 11.49 -23.11
CA ASP B 64 28.48 11.63 -21.79
C ASP B 64 28.02 10.26 -21.29
N MET B 65 27.32 9.51 -22.15
CA MET B 65 26.84 8.19 -21.75
C MET B 65 27.97 7.30 -21.27
N GLU B 66 29.13 7.39 -21.93
CA GLU B 66 30.27 6.55 -21.56
C GLU B 66 30.68 6.74 -20.10
N LYS B 67 30.42 7.93 -19.54
CA LYS B 67 30.77 8.22 -18.16
C LYS B 67 29.71 7.82 -17.14
N THR B 68 28.51 7.41 -17.57
CA THR B 68 27.44 7.17 -16.60
C THR B 68 27.45 5.72 -16.12
N THR B 69 26.73 5.49 -15.02
CA THR B 69 26.59 4.16 -14.40
C THR B 69 25.13 3.75 -14.37
N CYS B 70 24.88 2.48 -14.08
CA CYS B 70 23.48 2.08 -13.99
C CYS B 70 22.80 2.70 -12.76
N GLN B 71 23.57 3.05 -11.73
CA GLN B 71 22.96 3.83 -10.63
C GLN B 71 22.51 5.21 -11.11
N ASP B 72 23.28 5.86 -12.00
CA ASP B 72 22.82 7.11 -12.57
C ASP B 72 21.46 6.95 -13.26
N TRP B 73 21.31 5.88 -14.05
CA TRP B 73 20.06 5.70 -14.77
C TRP B 73 18.90 5.41 -13.82
N ILE B 74 19.14 4.58 -12.81
CA ILE B 74 18.15 4.35 -11.78
C ILE B 74 17.76 5.67 -11.13
N ASP B 75 18.76 6.50 -10.80
CA ASP B 75 18.48 7.79 -10.19
C ASP B 75 17.59 8.66 -11.06
N SER B 76 17.83 8.68 -12.38
CA SER B 76 16.95 9.45 -13.27
C SER B 76 15.51 8.93 -13.21
N VAL B 77 15.35 7.62 -13.19
CA VAL B 77 14.02 7.03 -13.14
C VAL B 77 13.35 7.36 -11.82
N GLU B 78 14.09 7.21 -10.72
CA GLU B 78 13.55 7.50 -9.39
C GLU B 78 13.14 8.97 -9.27
N ALA B 79 13.91 9.87 -9.90
CA ALA B 79 13.55 11.28 -9.86
C ALA B 79 12.23 11.53 -10.58
N GLY B 80 12.03 10.85 -11.73
CA GLY B 80 10.73 10.95 -12.39
C GLY B 80 9.61 10.41 -11.52
N TYR B 81 9.88 9.29 -10.84
CA TYR B 81 8.89 8.70 -9.94
C TYR B 81 8.53 9.68 -8.82
N GLU B 82 9.54 10.35 -8.26
CA GLU B 82 9.29 11.30 -7.18
C GLU B 82 8.49 12.51 -7.66
N TRP B 83 8.76 12.98 -8.89
CA TRP B 83 7.95 14.07 -9.42
C TRP B 83 6.48 13.65 -9.52
N LEU B 84 6.22 12.44 -10.05
CA LEU B 84 4.85 11.93 -10.10
C LEU B 84 4.23 11.82 -8.70
N LYS B 85 4.99 11.30 -7.73
CA LYS B 85 4.47 11.11 -6.38
C LYS B 85 4.07 12.43 -5.74
N ASN B 86 4.76 13.52 -6.08
CA ASN B 86 4.43 14.84 -5.54
C ASN B 86 3.04 15.32 -5.98
N ARG B 87 2.52 14.81 -7.10
CA ARG B 87 1.25 15.32 -7.61
C ARG B 87 0.21 14.26 -7.90
N CYS B 88 0.50 12.99 -7.64
CA CYS B 88 -0.38 11.89 -8.06
C CYS B 88 -0.47 10.90 -6.91
N GLY B 89 -1.64 10.31 -6.70
CA GLY B 89 -1.79 9.30 -5.67
C GLY B 89 -1.72 7.87 -6.15
N THR B 90 -1.70 7.69 -7.48
CA THR B 90 -1.70 6.38 -8.14
C THR B 90 -0.71 6.45 -9.28
N ILE B 91 0.22 5.48 -9.36
CA ILE B 91 1.28 5.52 -10.36
C ILE B 91 1.43 4.19 -11.08
N PHE B 92 1.48 4.24 -12.41
CA PHE B 92 1.70 3.14 -13.32
C PHE B 92 3.04 3.37 -14.03
N VAL B 93 3.79 2.30 -14.35
CA VAL B 93 5.09 2.46 -15.02
C VAL B 93 5.14 1.60 -16.30
N THR B 94 5.69 2.18 -17.37
CA THR B 94 5.84 1.50 -18.64
C THR B 94 7.17 1.94 -19.26
N GLY B 95 7.76 1.09 -20.10
CA GLY B 95 9.08 1.39 -20.62
C GLY B 95 9.52 0.42 -21.69
N LEU B 96 10.40 0.91 -22.56
CA LEU B 96 10.92 0.14 -23.70
C LEU B 96 12.34 -0.35 -23.46
N SER B 97 12.55 -1.66 -23.61
CA SER B 97 13.86 -2.31 -23.62
C SER B 97 14.53 -2.13 -22.26
N MET B 98 15.69 -1.44 -22.16
CA MET B 98 16.21 -1.14 -20.82
C MET B 98 15.21 -0.32 -20.00
N GLY B 99 14.40 0.50 -20.67
CA GLY B 99 13.28 1.14 -19.98
C GLY B 99 12.33 0.12 -19.37
N GLY B 100 12.06 -0.97 -20.08
CA GLY B 100 11.29 -2.07 -19.50
C GLY B 100 12.03 -2.76 -18.37
N THR B 101 13.35 -2.94 -18.52
CA THR B 101 14.15 -3.43 -17.40
C THR B 101 13.97 -2.51 -16.19
N LEU B 102 14.00 -1.19 -16.41
CA LEU B 102 13.89 -0.29 -15.28
C LEU B 102 12.47 -0.25 -14.77
N THR B 103 11.49 -0.52 -15.65
CA THR B 103 10.11 -0.66 -15.20
C THR B 103 10.01 -1.79 -14.20
N LEU B 104 10.68 -2.91 -14.53
CA LEU B 104 10.67 -4.05 -13.63
C LEU B 104 11.40 -3.70 -12.34
N TYR B 105 12.54 -3.00 -12.47
CA TYR B 105 13.26 -2.54 -11.28
C TYR B 105 12.34 -1.77 -10.36
N MET B 106 11.54 -0.88 -10.94
CA MET B 106 10.72 -0.03 -10.09
C MET B 106 9.67 -0.87 -9.37
N ALA B 107 9.09 -1.86 -10.06
CA ALA B 107 8.11 -2.71 -9.39
C ALA B 107 8.78 -3.60 -8.34
N GLU B 108 10.06 -3.90 -8.51
CA GLU B 108 10.77 -4.68 -7.50
C GLU B 108 11.08 -3.87 -6.25
N HIS B 109 11.07 -2.54 -6.32
CA HIS B 109 11.46 -1.73 -5.16
C HIS B 109 10.34 -0.84 -4.63
N HIS B 110 9.23 -0.73 -5.32
CA HIS B 110 8.13 0.14 -4.91
C HIS B 110 6.83 -0.64 -5.02
N PRO B 111 6.46 -1.37 -3.96
CA PRO B 111 5.26 -2.22 -4.03
C PRO B 111 3.97 -1.45 -4.20
N GLU B 112 3.96 -0.12 -4.00
CA GLU B 112 2.74 0.63 -4.20
C GLU B 112 2.42 0.90 -5.68
N ILE B 113 3.36 0.65 -6.60
CA ILE B 113 3.07 0.86 -8.03
C ILE B 113 1.88 -0.02 -8.43
N CYS B 114 0.88 0.59 -9.10
N CYS B 114 0.90 0.58 -9.10
CA CYS B 114 -0.40 -0.06 -9.32
CA CYS B 114 -0.37 -0.12 -9.29
C CYS B 114 -0.37 -1.04 -10.49
C CYS B 114 -0.30 -1.12 -10.44
N GLY B 115 0.60 -0.93 -11.38
CA GLY B 115 0.69 -1.84 -12.52
C GLY B 115 1.85 -1.43 -13.39
N ILE B 116 2.28 -2.37 -14.24
CA ILE B 116 3.40 -2.12 -15.16
C ILE B 116 3.11 -2.63 -16.56
N ALA B 117 3.79 -2.05 -17.55
CA ALA B 117 3.67 -2.47 -18.94
C ALA B 117 5.05 -2.40 -19.59
N PRO B 118 5.91 -3.39 -19.32
CA PRO B 118 7.22 -3.43 -19.99
C PRO B 118 7.05 -3.82 -21.46
N ILE B 119 7.91 -3.26 -22.31
CA ILE B 119 7.86 -3.48 -23.75
C ILE B 119 9.25 -3.93 -24.21
N ASN B 120 9.35 -5.16 -24.72
CA ASN B 120 10.64 -5.72 -25.16
C ASN B 120 11.71 -5.54 -24.08
N ALA B 121 11.30 -5.76 -22.83
CA ALA B 121 12.20 -5.58 -21.70
C ALA B 121 13.35 -6.56 -21.77
N ALA B 122 14.52 -6.14 -21.26
CA ALA B 122 15.77 -6.86 -21.41
C ALA B 122 16.26 -7.43 -20.08
N ILE B 123 16.45 -8.74 -20.03
CA ILE B 123 17.18 -9.35 -18.93
C ILE B 123 18.36 -10.20 -19.39
N ASN B 124 18.46 -10.57 -20.68
CA ASN B 124 19.57 -11.38 -21.17
C ASN B 124 19.87 -10.91 -22.60
N MET B 125 21.03 -10.31 -22.82
CA MET B 125 21.43 -9.82 -24.13
C MET B 125 22.84 -10.35 -24.47
N PRO B 126 22.96 -11.64 -24.80
CA PRO B 126 24.30 -12.23 -24.94
C PRO B 126 25.14 -11.60 -26.04
N ALA B 127 24.54 -11.05 -27.10
CA ALA B 127 25.35 -10.43 -28.15
C ALA B 127 26.00 -9.14 -27.64
N LEU B 128 25.26 -8.33 -26.89
CA LEU B 128 25.81 -7.11 -26.31
C LEU B 128 26.75 -7.42 -25.15
N ALA B 129 26.27 -8.16 -24.15
CA ALA B 129 27.15 -8.53 -23.04
C ALA B 129 28.40 -9.22 -23.53
N GLY B 130 28.29 -9.98 -24.64
CA GLY B 130 29.41 -10.78 -25.11
C GLY B 130 30.58 -9.96 -25.60
N ALA B 131 30.34 -8.69 -25.94
CA ALA B 131 31.43 -7.83 -26.36
C ALA B 131 32.48 -7.73 -25.26
N LEU B 132 32.06 -7.85 -24.00
CA LEU B 132 32.97 -7.75 -22.87
C LEU B 132 33.93 -8.93 -22.78
N ALA B 133 33.69 -9.99 -23.56
CA ALA B 133 34.51 -11.20 -23.52
C ALA B 133 35.66 -11.18 -24.52
N GLY B 134 35.89 -10.06 -25.20
CA GLY B 134 37.03 -9.99 -26.10
C GLY B 134 38.34 -10.14 -25.34
N VAL B 135 39.33 -10.70 -26.02
CA VAL B 135 40.67 -10.84 -25.44
C VAL B 135 41.51 -9.62 -25.82
N GLY B 136 42.38 -9.20 -24.91
CA GLY B 136 43.18 -8.03 -25.20
C GLY B 136 42.37 -6.75 -25.11
N ASP B 137 42.81 -5.75 -25.87
CA ASP B 137 42.20 -4.42 -25.84
C ASP B 137 40.80 -4.46 -26.47
N LEU B 138 39.79 -4.10 -25.69
CA LEU B 138 38.45 -4.04 -26.21
C LEU B 138 38.27 -2.78 -27.06
N PRO B 139 37.42 -2.83 -28.09
CA PRO B 139 37.08 -1.60 -28.80
C PRO B 139 36.38 -0.64 -27.84
N ARG B 140 36.53 0.65 -28.10
CA ARG B 140 35.88 1.63 -27.24
C ARG B 140 34.39 1.75 -27.56
N PHE B 141 34.03 1.58 -28.83
CA PHE B 141 32.65 1.68 -29.27
C PHE B 141 32.25 0.51 -30.15
N LEU B 142 30.99 0.13 -30.08
CA LEU B 142 30.36 -0.74 -31.06
C LEU B 142 29.45 0.10 -31.96
N ASP B 143 28.96 -0.54 -33.02
CA ASP B 143 27.89 0.01 -33.83
C ASP B 143 26.68 0.43 -32.99
N ALA B 144 25.89 1.36 -33.52
CA ALA B 144 24.60 1.70 -32.93
C ALA B 144 23.72 0.46 -32.82
N ILE B 145 22.88 0.43 -31.78
CA ILE B 145 21.84 -0.59 -31.68
C ILE B 145 20.46 -0.04 -32.00
N GLY B 146 20.32 1.28 -32.15
CA GLY B 146 19.02 1.89 -32.29
C GLY B 146 18.39 1.67 -33.65
N SER B 147 17.11 2.06 -33.72
CA SER B 147 16.34 2.13 -34.97
C SER B 147 16.03 0.76 -35.57
N ASP B 148 15.93 -0.29 -34.75
CA ASP B 148 15.38 -1.56 -35.23
C ASP B 148 13.86 -1.41 -35.27
N ILE B 149 13.36 -0.98 -36.43
CA ILE B 149 11.96 -0.59 -36.63
C ILE B 149 11.49 -1.16 -37.97
N LYS B 150 10.33 -1.81 -37.96
CA LYS B 150 9.79 -2.40 -39.19
C LYS B 150 9.14 -1.34 -40.07
N LYS B 151 8.32 -0.47 -39.46
CA LYS B 151 7.66 0.60 -40.20
C LYS B 151 8.68 1.46 -40.94
N PRO B 152 8.48 1.73 -42.24
CA PRO B 152 9.44 2.55 -42.98
C PRO B 152 9.25 4.04 -42.69
N GLY B 153 10.32 4.79 -42.92
CA GLY B 153 10.24 6.24 -42.82
C GLY B 153 10.23 6.76 -41.40
N VAL B 154 10.65 5.95 -40.44
CA VAL B 154 10.62 6.31 -39.03
C VAL B 154 12.03 6.18 -38.49
N LYS B 155 12.45 7.18 -37.71
CA LYS B 155 13.83 7.37 -37.29
C LYS B 155 13.85 7.43 -35.76
N GLU B 156 14.64 6.56 -35.12
CA GLU B 156 14.81 6.67 -33.68
C GLU B 156 15.94 7.65 -33.37
N LEU B 157 15.71 8.57 -32.43
CA LEU B 157 16.77 9.43 -31.93
C LEU B 157 17.55 8.67 -30.87
N ALA B 158 18.64 8.03 -31.30
CA ALA B 158 19.51 7.25 -30.43
C ALA B 158 20.95 7.44 -30.90
N TYR B 159 21.90 7.10 -30.03
CA TYR B 159 23.29 7.38 -30.39
C TYR B 159 23.75 6.52 -31.56
N GLU B 160 24.71 7.07 -32.30
CA GLU B 160 25.26 6.41 -33.47
C GLU B 160 26.40 5.46 -33.12
N LYS B 161 26.84 5.47 -31.87
CA LYS B 161 27.85 4.55 -31.37
C LYS B 161 27.38 4.04 -30.02
N THR B 162 27.75 2.80 -29.70
CA THR B 162 27.45 2.22 -28.40
C THR B 162 28.72 2.18 -27.57
N PRO B 163 28.81 2.86 -26.43
CA PRO B 163 30.05 2.80 -25.65
C PRO B 163 30.19 1.45 -24.94
N VAL B 164 31.34 0.82 -25.14
CA VAL B 164 31.59 -0.47 -24.51
C VAL B 164 31.67 -0.35 -23.00
N LYS B 165 32.17 0.79 -22.49
CA LYS B 165 32.18 1.00 -21.03
C LYS B 165 30.77 0.93 -20.44
N SER B 166 29.75 1.35 -21.20
CA SER B 166 28.37 1.31 -20.71
C SER B 166 27.77 -0.10 -20.71
N ILE B 167 28.36 -1.01 -21.49
CA ILE B 167 27.79 -2.36 -21.56
C ILE B 167 27.85 -3.05 -20.20
N GLY B 168 28.94 -2.85 -19.45
CA GLY B 168 29.01 -3.41 -18.10
C GLY B 168 27.93 -2.88 -17.18
N GLU B 169 27.51 -1.63 -17.41
CA GLU B 169 26.44 -1.06 -16.58
C GLU B 169 25.10 -1.71 -16.89
N ILE B 170 24.78 -1.87 -18.19
CA ILE B 170 23.50 -2.53 -18.46
C ILE B 170 23.53 -4.00 -18.05
N THR B 171 24.68 -4.67 -18.16
CA THR B 171 24.71 -6.07 -17.70
C THR B 171 24.52 -6.17 -16.19
N GLU B 172 25.12 -5.26 -15.42
CA GLU B 172 24.88 -5.23 -13.97
C GLU B 172 23.40 -5.00 -13.66
N LEU B 173 22.78 -4.04 -14.34
CA LEU B 173 21.37 -3.75 -14.09
C LEU B 173 20.50 -4.96 -14.43
N MET B 174 20.75 -5.60 -15.58
CA MET B 174 19.94 -6.76 -15.98
C MET B 174 20.10 -7.90 -14.98
N LYS B 175 21.33 -8.16 -14.51
CA LYS B 175 21.53 -9.19 -13.48
C LYS B 175 20.70 -8.90 -12.22
N LYS B 176 20.76 -7.66 -11.73
CA LYS B 176 20.03 -7.28 -10.52
C LYS B 176 18.52 -7.48 -10.70
N VAL B 177 17.99 -6.98 -11.81
CA VAL B 177 16.55 -7.04 -12.05
C VAL B 177 16.08 -8.49 -12.23
N LYS B 178 16.83 -9.27 -13.02
CA LYS B 178 16.49 -10.68 -13.22
C LYS B 178 16.46 -11.43 -11.91
N GLY B 179 17.46 -11.20 -11.05
CA GLY B 179 17.49 -11.91 -9.78
C GLY B 179 16.36 -11.51 -8.85
N ASP B 180 15.74 -10.36 -9.07
CA ASP B 180 14.67 -9.89 -8.19
C ASP B 180 13.27 -10.06 -8.76
N LEU B 181 13.13 -10.70 -9.94
CA LEU B 181 11.80 -10.75 -10.59
C LEU B 181 10.68 -11.27 -9.68
N GLU B 182 10.98 -12.12 -8.69
CA GLU B 182 9.89 -12.63 -7.85
C GLU B 182 9.26 -11.55 -6.97
N LYS B 183 9.93 -10.41 -6.83
CA LYS B 183 9.38 -9.27 -6.10
C LYS B 183 8.31 -8.52 -6.90
N VAL B 184 8.21 -8.74 -8.21
CA VAL B 184 7.18 -8.08 -9.00
C VAL B 184 5.85 -8.79 -8.73
N ASN B 185 4.87 -8.07 -8.15
CA ASN B 185 3.57 -8.72 -8.03
C ASN B 185 2.39 -7.81 -8.31
N CYS B 186 2.61 -6.61 -8.81
CA CYS B 186 1.50 -5.80 -9.30
C CYS B 186 1.05 -6.33 -10.67
N PRO B 187 -0.17 -5.99 -11.10
CA PRO B 187 -0.63 -6.41 -12.44
C PRO B 187 0.39 -6.02 -13.51
N ALA B 188 0.57 -6.91 -14.49
CA ALA B 188 1.61 -6.75 -15.51
C ALA B 188 1.04 -7.02 -16.90
N LEU B 189 1.27 -6.08 -17.80
CA LEU B 189 0.93 -6.21 -19.21
C LEU B 189 2.25 -6.19 -19.96
N ILE B 190 2.74 -7.35 -20.36
CA ILE B 190 4.08 -7.50 -20.94
C ILE B 190 3.94 -7.54 -22.46
N PHE B 191 4.48 -6.53 -23.15
CA PHE B 191 4.47 -6.48 -24.61
C PHE B 191 5.79 -7.01 -25.15
N VAL B 192 5.72 -7.79 -26.22
CA VAL B 192 6.95 -8.30 -26.84
C VAL B 192 6.73 -8.39 -28.35
N SER B 193 7.74 -7.99 -29.11
CA SER B 193 7.69 -8.11 -30.57
C SER B 193 8.03 -9.53 -30.99
N LYS B 194 7.21 -10.11 -31.88
CA LYS B 194 7.50 -11.45 -32.39
C LYS B 194 8.90 -11.53 -32.98
N GLU B 195 9.29 -10.50 -33.74
CA GLU B 195 10.64 -10.37 -34.27
C GLU B 195 11.27 -9.17 -33.62
N ASP B 196 12.39 -9.37 -32.95
CA ASP B 196 13.14 -8.33 -32.29
C ASP B 196 14.59 -8.64 -32.55
N HIS B 197 15.31 -7.72 -33.19
CA HIS B 197 16.69 -7.99 -33.57
C HIS B 197 17.68 -7.45 -32.56
N VAL B 198 17.21 -6.99 -31.41
CA VAL B 198 18.05 -6.38 -30.38
C VAL B 198 17.97 -7.16 -29.07
N VAL B 199 16.76 -7.40 -28.59
CA VAL B 199 16.51 -8.14 -27.36
C VAL B 199 15.77 -9.42 -27.74
N PRO B 200 16.32 -10.60 -27.46
CA PRO B 200 15.60 -11.86 -27.77
C PRO B 200 14.22 -11.84 -27.16
N PRO B 201 13.17 -12.04 -27.97
CA PRO B 201 11.80 -12.06 -27.42
C PRO B 201 11.58 -13.02 -26.26
N SER B 202 12.45 -14.02 -26.11
CA SER B 202 12.31 -14.97 -25.01
C SER B 202 12.49 -14.31 -23.64
N ASN B 203 13.31 -13.24 -23.56
CA ASN B 203 13.25 -12.33 -22.42
C ASN B 203 11.84 -12.17 -21.89
N SER B 204 10.93 -11.70 -22.72
CA SER B 204 9.61 -11.37 -22.18
C SER B 204 8.92 -12.61 -21.65
N GLN B 205 9.06 -13.76 -22.35
CA GLN B 205 8.47 -14.99 -21.83
C GLN B 205 9.06 -15.33 -20.48
N GLU B 206 10.38 -15.22 -20.35
CA GLU B 206 10.97 -15.56 -19.06
C GLU B 206 10.50 -14.58 -17.99
N ILE B 207 10.38 -13.30 -18.33
CA ILE B 207 9.86 -12.32 -17.36
C ILE B 207 8.46 -12.74 -16.95
N TYR B 208 7.62 -13.06 -17.95
CA TYR B 208 6.24 -13.41 -17.65
C TYR B 208 6.20 -14.58 -16.68
N SER B 209 7.13 -15.53 -16.85
CA SER B 209 7.01 -16.73 -16.04
C SER B 209 7.63 -16.54 -14.66
N SER B 210 8.51 -15.54 -14.52
CA SER B 210 9.24 -15.41 -13.26
C SER B 210 8.59 -14.46 -12.28
N ILE B 211 7.79 -13.50 -12.74
CA ILE B 211 7.14 -12.61 -11.77
C ILE B 211 6.04 -13.37 -11.01
N LYS B 212 5.73 -12.86 -9.82
CA LYS B 212 4.68 -13.44 -8.97
C LYS B 212 3.32 -12.73 -9.12
N SER B 213 3.17 -11.82 -10.08
CA SER B 213 1.89 -11.17 -10.31
C SER B 213 0.75 -12.18 -10.55
N ALA B 214 -0.38 -11.96 -9.85
CA ALA B 214 -1.57 -12.79 -10.06
C ALA B 214 -2.33 -12.40 -11.31
N ALA B 215 -2.21 -11.15 -11.75
CA ALA B 215 -2.76 -10.68 -13.01
C ALA B 215 -1.57 -10.36 -13.92
N LYS B 216 -1.36 -11.15 -14.95
CA LYS B 216 -0.28 -10.88 -15.90
C LYS B 216 -0.72 -11.38 -17.28
N GLU B 217 -0.29 -10.64 -18.30
CA GLU B 217 -0.64 -11.01 -19.66
C GLU B 217 0.56 -10.73 -20.56
N LEU B 218 0.79 -11.61 -21.54
CA LEU B 218 1.84 -11.42 -22.54
C LEU B 218 1.16 -11.12 -23.86
N VAL B 219 1.46 -9.96 -24.45
CA VAL B 219 0.89 -9.56 -25.73
C VAL B 219 2.01 -9.56 -26.75
N THR B 220 1.86 -10.35 -27.80
CA THR B 220 2.85 -10.43 -28.87
C THR B 220 2.46 -9.50 -30.01
N LEU B 221 3.40 -8.64 -30.41
CA LEU B 221 3.19 -7.68 -31.48
C LEU B 221 3.73 -8.30 -32.77
N ASP B 222 2.86 -8.45 -33.77
CA ASP B 222 3.21 -9.25 -34.93
C ASP B 222 3.78 -8.45 -36.09
N ASN B 223 3.77 -7.11 -36.01
CA ASN B 223 4.16 -6.24 -37.14
C ASN B 223 5.18 -5.19 -36.73
N SER B 224 5.97 -5.45 -35.69
CA SER B 224 6.96 -4.49 -35.20
C SER B 224 8.26 -5.23 -34.92
N TYR B 225 9.38 -4.49 -35.00
CA TYR B 225 10.64 -4.98 -34.44
C TYR B 225 10.86 -4.36 -33.05
N HIS B 226 12.13 -4.14 -32.67
CA HIS B 226 12.47 -3.79 -31.29
C HIS B 226 11.82 -2.49 -30.83
N VAL B 227 11.97 -1.42 -31.61
CA VAL B 227 11.48 -0.12 -31.12
C VAL B 227 9.99 -0.02 -31.39
N ALA B 228 9.20 -0.87 -30.71
CA ALA B 228 7.78 -1.00 -31.02
C ALA B 228 7.00 0.26 -30.73
N THR B 229 7.48 1.11 -29.82
CA THR B 229 6.77 2.35 -29.50
C THR B 229 6.73 3.34 -30.66
N LEU B 230 7.55 3.15 -31.69
CA LEU B 230 7.59 4.01 -32.87
C LEU B 230 7.15 3.25 -34.11
N ASP B 231 6.68 2.02 -33.95
CA ASP B 231 6.53 1.03 -35.02
C ASP B 231 5.07 0.83 -35.38
N ASN B 232 4.83 -0.14 -36.27
CA ASN B 232 3.48 -0.40 -36.76
C ASN B 232 2.47 -0.68 -35.65
N ASP B 233 2.90 -1.30 -34.55
CA ASP B 233 1.96 -1.68 -33.49
C ASP B 233 1.91 -0.65 -32.36
N GLN B 234 2.35 0.58 -32.62
CA GLN B 234 2.24 1.65 -31.62
C GLN B 234 0.80 1.79 -31.13
N ASP B 235 -0.15 1.72 -32.06
CA ASP B 235 -1.55 1.89 -31.68
C ASP B 235 -2.02 0.77 -30.75
N ILE B 236 -1.55 -0.46 -30.98
CA ILE B 236 -1.93 -1.56 -30.10
C ILE B 236 -1.38 -1.33 -28.69
N ILE B 237 -0.12 -0.89 -28.60
CA ILE B 237 0.48 -0.62 -27.28
C ILE B 237 -0.35 0.43 -26.56
N ILE B 238 -0.68 1.53 -27.24
CA ILE B 238 -1.43 2.61 -26.59
C ILE B 238 -2.81 2.14 -26.13
N GLU B 239 -3.57 1.49 -27.04
CA GLU B 239 -4.95 1.10 -26.71
C GLU B 239 -4.97 0.05 -25.59
N ARG B 240 -4.14 -0.99 -25.71
CA ARG B 240 -4.12 -2.05 -24.70
C ARG B 240 -3.63 -1.51 -23.35
N THR B 241 -2.65 -0.60 -23.36
CA THR B 241 -2.21 -0.05 -22.08
C THR B 241 -3.31 0.77 -21.44
N LEU B 242 -4.00 1.61 -22.23
CA LEU B 242 -5.08 2.42 -21.68
C LEU B 242 -6.20 1.55 -21.10
N HIS B 243 -6.56 0.47 -21.81
CA HIS B 243 -7.61 -0.42 -21.31
C HIS B 243 -7.16 -1.15 -20.05
N PHE B 244 -5.90 -1.59 -20.02
CA PHE B 244 -5.32 -2.24 -18.84
C PHE B 244 -5.36 -1.31 -17.63
N LEU B 245 -4.90 -0.08 -17.82
CA LEU B 245 -4.92 0.92 -16.75
C LEU B 245 -6.34 1.15 -16.25
N GLN B 246 -7.31 1.23 -17.16
CA GLN B 246 -8.71 1.38 -16.77
C GLN B 246 -9.15 0.23 -15.86
N ARG B 247 -8.81 -1.00 -16.26
CA ARG B 247 -9.16 -2.19 -15.47
C ARG B 247 -8.50 -2.18 -14.11
N VAL B 248 -7.23 -1.78 -14.04
CA VAL B 248 -6.53 -1.72 -12.76
C VAL B 248 -7.15 -0.66 -11.86
N LEU B 249 -7.44 0.52 -12.43
CA LEU B 249 -7.98 1.62 -11.64
C LEU B 249 -9.31 1.25 -11.01
N GLU B 250 -10.10 0.43 -11.69
CA GLU B 250 -11.37 0.00 -11.08
C GLU B 250 -11.16 -0.77 -9.77
N THR B 251 -10.05 -1.48 -9.62
CA THR B 251 -9.76 -2.19 -8.37
C THR B 251 -9.19 -1.22 -7.33
N MET C 1 -28.45 -10.95 12.24
CA MET C 1 -27.87 -10.32 13.41
C MET C 1 -26.47 -10.89 13.65
N THR C 2 -25.68 -10.26 14.52
CA THR C 2 -24.42 -10.80 15.00
C THR C 2 -24.42 -10.75 16.52
N GLU C 3 -23.94 -11.82 17.15
CA GLU C 3 -23.90 -11.87 18.62
C GLU C 3 -22.92 -10.85 19.17
N THR C 4 -23.38 -10.10 20.18
CA THR C 4 -22.53 -9.16 20.89
C THR C 4 -21.77 -9.81 22.04
N TYR C 5 -22.37 -10.83 22.68
CA TYR C 5 -21.79 -11.40 23.90
C TYR C 5 -21.03 -12.68 23.61
N PRO C 6 -20.01 -12.96 24.42
CA PRO C 6 -19.26 -14.22 24.25
C PRO C 6 -20.08 -15.41 24.74
N VAL C 7 -19.66 -16.60 24.30
CA VAL C 7 -20.29 -17.83 24.74
C VAL C 7 -19.96 -18.07 26.21
N VAL C 8 -20.99 -18.30 27.02
CA VAL C 8 -20.79 -18.53 28.45
C VAL C 8 -20.11 -19.89 28.66
N LYS C 9 -19.28 -19.97 29.70
CA LYS C 9 -18.58 -21.22 29.97
C LYS C 9 -19.58 -22.36 30.17
N GLY C 10 -19.37 -23.45 29.46
CA GLY C 10 -20.26 -24.60 29.51
C GLY C 10 -21.27 -24.68 28.40
N ALA C 11 -21.49 -23.60 27.64
CA ALA C 11 -22.45 -23.58 26.54
C ALA C 11 -21.80 -23.81 25.18
N GLU C 12 -20.55 -24.25 25.15
CA GLU C 12 -19.87 -24.40 23.86
C GLU C 12 -20.45 -25.55 23.05
N PRO C 13 -20.49 -25.43 21.73
CA PRO C 13 -20.89 -26.57 20.90
C PRO C 13 -19.85 -27.68 21.01
N PHE C 14 -20.26 -28.89 20.62
CA PHE C 14 -19.34 -30.01 20.62
C PHE C 14 -19.19 -30.62 19.23
N PHE C 15 -17.93 -30.88 18.84
CA PHE C 15 -17.58 -31.50 17.56
C PHE C 15 -16.68 -32.69 17.88
N PHE C 16 -17.26 -33.87 18.10
CA PHE C 16 -16.53 -35.07 18.48
C PHE C 16 -16.27 -35.93 17.24
N GLU C 17 -15.00 -36.08 16.88
CA GLU C 17 -14.60 -36.86 15.71
C GLU C 17 -14.61 -38.36 16.00
N GLY C 18 -15.41 -39.12 15.25
CA GLY C 18 -15.50 -40.54 15.45
C GLY C 18 -15.51 -41.28 14.13
N ASN C 19 -16.37 -42.27 14.01
CA ASN C 19 -16.40 -43.12 12.83
C ASN C 19 -17.29 -42.50 11.75
N ASP C 20 -17.64 -43.30 10.75
CA ASP C 20 -18.34 -42.84 9.55
C ASP C 20 -19.84 -42.61 9.77
N ILE C 21 -20.36 -42.84 10.96
CA ILE C 21 -21.75 -42.59 11.30
C ILE C 21 -21.80 -41.36 12.20
N GLY C 22 -22.62 -40.37 11.82
CA GLY C 22 -22.70 -39.08 12.51
C GLY C 22 -24.02 -38.93 13.23
N ILE C 23 -23.99 -38.34 14.43
CA ILE C 23 -25.20 -38.06 15.19
C ILE C 23 -25.27 -36.54 15.37
N LEU C 24 -26.34 -35.91 14.90
CA LEU C 24 -26.59 -34.50 15.14
C LEU C 24 -27.48 -34.33 16.36
N VAL C 25 -27.03 -33.53 17.33
CA VAL C 25 -27.66 -33.46 18.66
C VAL C 25 -28.05 -32.00 18.94
N LEU C 26 -29.35 -31.72 19.04
CA LEU C 26 -29.86 -30.35 18.96
C LEU C 26 -30.51 -29.92 20.28
N HIS C 27 -30.16 -28.72 20.74
CA HIS C 27 -30.76 -28.15 21.94
C HIS C 27 -31.94 -27.24 21.59
N GLY C 28 -32.64 -26.77 22.63
CA GLY C 28 -33.87 -26.04 22.48
C GLY C 28 -33.81 -24.55 22.78
N PHE C 29 -35.01 -23.95 22.78
CA PHE C 29 -35.27 -22.52 22.88
C PHE C 29 -34.88 -21.98 24.27
N THR C 30 -34.02 -20.94 24.28
CA THR C 30 -33.34 -20.32 25.44
C THR C 30 -32.26 -21.20 26.04
N GLY C 31 -32.10 -22.44 25.54
CA GLY C 31 -31.15 -23.40 26.06
C GLY C 31 -29.79 -23.30 25.40
N SER C 32 -29.00 -24.37 25.52
CA SER C 32 -27.63 -24.38 25.01
C SER C 32 -27.17 -25.83 24.84
N PRO C 33 -26.00 -26.06 24.23
CA PRO C 33 -25.48 -27.44 24.13
C PRO C 33 -25.23 -28.09 25.48
N GLN C 34 -25.22 -27.34 26.59
CA GLN C 34 -24.95 -27.93 27.89
C GLN C 34 -25.99 -28.99 28.25
N SER C 35 -27.25 -28.80 27.84
CA SER C 35 -28.30 -29.80 28.13
C SER C 35 -28.12 -31.09 27.33
N MET C 36 -27.36 -31.06 26.23
CA MET C 36 -27.18 -32.18 25.33
C MET C 36 -25.80 -32.82 25.42
N ARG C 37 -24.85 -32.16 26.06
CA ARG C 37 -23.46 -32.67 26.01
C ARG C 37 -23.32 -34.05 26.63
N PRO C 38 -23.95 -34.40 27.76
CA PRO C 38 -23.83 -35.79 28.27
C PRO C 38 -24.27 -36.84 27.26
N LEU C 39 -25.38 -36.61 26.55
CA LEU C 39 -25.77 -37.50 25.46
C LEU C 39 -24.66 -37.57 24.42
N GLY C 40 -24.14 -36.42 24.00
CA GLY C 40 -23.08 -36.38 23.01
C GLY C 40 -21.87 -37.20 23.43
N GLU C 41 -21.45 -37.07 24.68
CA GLU C 41 -20.31 -37.84 25.19
C GLU C 41 -20.58 -39.32 25.14
N ALA C 42 -21.77 -39.74 25.59
CA ALA C 42 -22.10 -41.16 25.54
C ALA C 42 -22.11 -41.68 24.10
N TYR C 43 -22.70 -40.92 23.17
CA TYR C 43 -22.74 -41.38 21.78
C TYR C 43 -21.34 -41.43 21.18
N HIS C 44 -20.51 -40.46 21.49
CA HIS C 44 -19.12 -40.49 21.02
C HIS C 44 -18.38 -41.70 21.58
N GLU C 45 -18.61 -42.04 22.86
CA GLU C 45 -17.94 -43.20 23.43
C GLU C 45 -18.37 -44.49 22.75
N ALA C 46 -19.58 -44.52 22.19
CA ALA C 46 -20.01 -45.69 21.42
C ALA C 46 -19.34 -45.74 20.05
N GLY C 47 -18.58 -44.70 19.69
CA GLY C 47 -17.78 -44.68 18.47
C GLY C 47 -18.20 -43.66 17.43
N TYR C 48 -19.41 -43.10 17.54
CA TYR C 48 -19.96 -42.21 16.51
C TYR C 48 -19.27 -40.84 16.45
N THR C 49 -19.26 -40.26 15.25
CA THR C 49 -19.01 -38.83 15.13
C THR C 49 -20.24 -38.09 15.66
N VAL C 50 -20.02 -37.03 16.45
CA VAL C 50 -21.14 -36.33 17.09
C VAL C 50 -20.98 -34.83 16.89
N CYS C 51 -22.06 -34.16 16.48
CA CYS C 51 -22.07 -32.70 16.41
C CYS C 51 -23.24 -32.15 17.24
N GLY C 52 -22.92 -31.35 18.24
CA GLY C 52 -23.91 -30.64 19.03
C GLY C 52 -23.78 -29.15 18.84
N PRO C 53 -24.45 -28.62 17.82
CA PRO C 53 -24.27 -27.20 17.49
C PRO C 53 -24.97 -26.28 18.49
N ARG C 54 -24.48 -25.04 18.53
CA ARG C 54 -25.07 -23.96 19.31
C ARG C 54 -25.96 -23.10 18.41
N LEU C 55 -27.25 -23.03 18.73
CA LEU C 55 -28.15 -22.18 17.94
C LEU C 55 -27.72 -20.71 18.06
N LYS C 56 -27.80 -19.99 16.93
CA LYS C 56 -27.47 -18.56 16.95
C LYS C 56 -28.22 -17.83 18.07
N GLY C 57 -27.50 -16.98 18.79
CA GLY C 57 -28.11 -16.21 19.84
C GLY C 57 -28.34 -16.98 21.13
N HIS C 58 -27.95 -18.26 21.18
CA HIS C 58 -28.07 -19.08 22.37
C HIS C 58 -26.70 -19.30 23.03
N GLY C 59 -26.71 -19.41 24.35
CA GLY C 59 -25.49 -19.59 25.12
C GLY C 59 -24.63 -18.35 25.24
N THR C 60 -25.18 -17.17 24.93
CA THR C 60 -24.44 -15.92 25.03
C THR C 60 -25.19 -14.97 25.96
N HIS C 61 -26.28 -14.37 25.48
CA HIS C 61 -27.07 -13.44 26.27
C HIS C 61 -28.47 -13.40 25.66
N TYR C 62 -29.51 -13.24 26.51
CA TYR C 62 -30.84 -13.25 25.93
C TYR C 62 -31.09 -12.03 25.04
N GLU C 63 -30.30 -10.95 25.19
CA GLU C 63 -30.40 -9.85 24.24
C GLU C 63 -29.89 -10.25 22.86
N ASP C 64 -28.93 -11.17 22.78
CA ASP C 64 -28.58 -11.73 21.47
C ASP C 64 -29.75 -12.55 20.94
N MET C 65 -30.31 -13.43 21.78
CA MET C 65 -31.41 -14.28 21.34
C MET C 65 -32.55 -13.44 20.78
N GLU C 66 -32.84 -12.31 21.43
CA GLU C 66 -33.95 -11.46 21.04
C GLU C 66 -33.85 -11.03 19.58
N LYS C 67 -32.63 -10.90 19.06
CA LYS C 67 -32.44 -10.44 17.68
C LYS C 67 -32.48 -11.56 16.64
N THR C 68 -32.55 -12.82 17.06
CA THR C 68 -32.45 -13.92 16.10
C THR C 68 -33.82 -14.32 15.56
N THR C 69 -33.79 -15.06 14.46
CA THR C 69 -34.97 -15.54 13.76
C THR C 69 -34.97 -17.07 13.72
N CYS C 70 -36.12 -17.64 13.39
N CYS C 70 -36.15 -17.62 13.41
CA CYS C 70 -36.11 -19.09 13.27
CA CYS C 70 -36.27 -19.05 13.15
C CYS C 70 -35.26 -19.55 12.09
C CYS C 70 -35.27 -19.52 12.10
N GLN C 71 -35.09 -18.71 11.06
CA GLN C 71 -34.15 -19.08 10.00
C GLN C 71 -32.71 -19.12 10.52
N ASP C 72 -32.34 -18.21 11.43
CA ASP C 72 -31.02 -18.29 12.06
C ASP C 72 -30.81 -19.65 12.73
N TRP C 73 -31.82 -20.10 13.48
CA TRP C 73 -31.67 -21.36 14.21
C TRP C 73 -31.59 -22.52 13.24
N ILE C 74 -32.43 -22.51 12.20
CA ILE C 74 -32.32 -23.53 11.15
C ILE C 74 -30.91 -23.51 10.55
N ASP C 75 -30.37 -22.32 10.30
CA ASP C 75 -29.04 -22.23 9.68
C ASP C 75 -27.97 -22.84 10.57
N SER C 76 -28.09 -22.66 11.89
CA SER C 76 -27.13 -23.29 12.81
C SER C 76 -27.21 -24.81 12.71
N VAL C 77 -28.43 -25.33 12.64
CA VAL C 77 -28.62 -26.78 12.55
C VAL C 77 -28.06 -27.30 11.24
N GLU C 78 -28.39 -26.64 10.13
CA GLU C 78 -27.89 -27.05 8.82
C GLU C 78 -26.37 -27.02 8.75
N ALA C 79 -25.73 -26.03 9.40
CA ALA C 79 -24.27 -25.98 9.41
C ALA C 79 -23.67 -27.18 10.14
N GLY C 80 -24.28 -27.58 11.27
CA GLY C 80 -23.81 -28.79 11.94
C GLY C 80 -24.01 -30.02 11.07
N TYR C 81 -25.14 -30.07 10.36
CA TYR C 81 -25.42 -31.19 9.47
C TYR C 81 -24.37 -31.26 8.37
N GLU C 82 -23.99 -30.10 7.82
CA GLU C 82 -22.98 -30.07 6.77
C GLU C 82 -21.61 -30.50 7.30
N TRP C 83 -21.29 -30.12 8.54
CA TRP C 83 -20.03 -30.60 9.13
C TRP C 83 -20.02 -32.12 9.19
N LEU C 84 -21.13 -32.71 9.66
CA LEU C 84 -21.21 -34.18 9.71
C LEU C 84 -21.08 -34.79 8.31
N LYS C 85 -21.76 -34.18 7.33
CA LYS C 85 -21.78 -34.71 5.96
C LYS C 85 -20.39 -34.72 5.34
N ASN C 86 -19.52 -33.80 5.77
CA ASN C 86 -18.14 -33.73 5.29
C ASN C 86 -17.32 -34.93 5.74
N ARG C 87 -17.74 -35.62 6.81
CA ARG C 87 -16.94 -36.72 7.33
C ARG C 87 -17.73 -38.00 7.60
N CYS C 88 -19.04 -38.03 7.30
CA CYS C 88 -19.88 -39.16 7.63
C CYS C 88 -20.76 -39.51 6.44
N GLY C 89 -20.99 -40.80 6.23
CA GLY C 89 -21.84 -41.26 5.15
C GLY C 89 -23.26 -41.59 5.59
N THR C 90 -23.47 -41.71 6.90
CA THR C 90 -24.74 -42.06 7.52
C THR C 90 -25.00 -41.10 8.68
N ILE C 91 -26.17 -40.45 8.72
CA ILE C 91 -26.44 -39.45 9.76
C ILE C 91 -27.79 -39.65 10.42
N PHE C 92 -27.81 -39.55 11.77
CA PHE C 92 -29.02 -39.59 12.58
C PHE C 92 -29.17 -38.24 13.30
N VAL C 93 -30.39 -37.87 13.65
CA VAL C 93 -30.61 -36.61 14.35
C VAL C 93 -31.48 -36.84 15.58
N THR C 94 -31.11 -36.17 16.69
CA THR C 94 -31.85 -36.22 17.94
C THR C 94 -31.81 -34.83 18.57
N GLY C 95 -32.79 -34.50 19.39
CA GLY C 95 -32.82 -33.16 19.96
C GLY C 95 -33.92 -33.00 20.99
N LEU C 96 -33.73 -32.03 21.87
CA LEU C 96 -34.65 -31.76 22.98
C LEU C 96 -35.51 -30.54 22.69
N SER C 97 -36.84 -30.71 22.81
CA SER C 97 -37.82 -29.62 22.82
C SER C 97 -37.83 -28.95 21.46
N MET C 98 -37.47 -27.66 21.36
CA MET C 98 -37.34 -27.10 20.02
C MET C 98 -36.22 -27.76 19.23
N GLY C 99 -35.23 -28.36 19.91
CA GLY C 99 -34.27 -29.19 19.21
C GLY C 99 -34.94 -30.42 18.63
N GLY C 100 -35.96 -30.92 19.30
CA GLY C 100 -36.78 -31.97 18.72
C GLY C 100 -37.61 -31.47 17.56
N THR C 101 -38.14 -30.24 17.67
CA THR C 101 -38.80 -29.62 16.52
C THR C 101 -37.83 -29.54 15.36
N LEU C 102 -36.57 -29.17 15.64
CA LEU C 102 -35.63 -29.01 14.55
C LEU C 102 -35.22 -30.37 14.02
N THR C 103 -35.25 -31.40 14.88
CA THR C 103 -34.99 -32.75 14.42
C THR C 103 -36.02 -33.14 13.36
N LEU C 104 -37.29 -32.87 13.67
CA LEU C 104 -38.35 -33.19 12.71
C LEU C 104 -38.18 -32.38 11.46
N TYR C 105 -37.85 -31.09 11.61
CA TYR C 105 -37.55 -30.24 10.45
C TYR C 105 -36.52 -30.90 9.54
N MET C 106 -35.41 -31.39 10.12
CA MET C 106 -34.35 -31.97 9.29
C MET C 106 -34.86 -33.20 8.55
N ALA C 107 -35.64 -34.06 9.22
CA ALA C 107 -36.23 -35.22 8.55
C ALA C 107 -37.19 -34.79 7.44
N GLU C 108 -37.86 -33.66 7.62
CA GLU C 108 -38.80 -33.20 6.60
C GLU C 108 -38.08 -32.66 5.37
N HIS C 109 -36.80 -32.28 5.50
CA HIS C 109 -36.12 -31.65 4.38
C HIS C 109 -34.96 -32.45 3.82
N HIS C 110 -34.57 -33.54 4.49
CA HIS C 110 -33.38 -34.29 4.10
C HIS C 110 -33.73 -35.77 4.15
N PRO C 111 -34.25 -36.31 3.05
CA PRO C 111 -34.75 -37.69 3.08
C PRO C 111 -33.65 -38.71 3.27
N GLU C 112 -32.38 -38.32 3.16
CA GLU C 112 -31.28 -39.26 3.38
C GLU C 112 -31.01 -39.51 4.86
N ILE C 113 -31.56 -38.69 5.77
CA ILE C 113 -31.34 -38.95 7.21
C ILE C 113 -31.87 -40.32 7.54
N CYS C 114 -31.07 -41.08 8.30
N CYS C 114 -31.07 -41.11 8.27
CA CYS C 114 -31.30 -42.50 8.51
CA CYS C 114 -31.42 -42.52 8.45
C CYS C 114 -32.31 -42.77 9.62
C CYS C 114 -32.35 -42.77 9.62
N GLY C 115 -32.48 -41.82 10.54
CA GLY C 115 -33.41 -42.00 11.65
C GLY C 115 -33.34 -40.80 12.58
N ILE C 116 -34.37 -40.66 13.41
CA ILE C 116 -34.49 -39.51 14.31
C ILE C 116 -34.94 -39.95 15.69
N ALA C 117 -34.54 -39.16 16.69
CA ALA C 117 -34.98 -39.38 18.07
C ALA C 117 -35.34 -38.06 18.74
N PRO C 118 -36.52 -37.52 18.46
CA PRO C 118 -36.95 -36.30 19.16
C PRO C 118 -37.32 -36.58 20.59
N ILE C 119 -37.04 -35.62 21.47
CA ILE C 119 -37.28 -35.73 22.90
C ILE C 119 -38.10 -34.53 23.35
N ASN C 120 -39.32 -34.75 23.84
CA ASN C 120 -40.23 -33.66 24.23
C ASN C 120 -40.34 -32.59 23.16
N ALA C 121 -40.42 -33.03 21.90
CA ALA C 121 -40.51 -32.10 20.77
C ALA C 121 -41.80 -31.30 20.82
N ALA C 122 -41.74 -30.06 20.30
CA ALA C 122 -42.82 -29.09 20.38
C ALA C 122 -43.42 -28.80 19.01
N ILE C 123 -44.72 -29.03 18.87
CA ILE C 123 -45.48 -28.45 17.77
C ILE C 123 -46.58 -27.51 18.25
N ASN C 124 -46.92 -27.51 19.54
CA ASN C 124 -47.93 -26.62 20.13
C ASN C 124 -47.53 -26.29 21.55
N MET C 125 -47.36 -25.00 21.85
CA MET C 125 -46.98 -24.54 23.19
C MET C 125 -47.95 -23.43 23.60
N PRO C 126 -49.17 -23.80 24.00
CA PRO C 126 -50.20 -22.77 24.24
C PRO C 126 -49.87 -21.78 25.34
N ALA C 127 -49.10 -22.17 26.36
CA ALA C 127 -48.75 -21.23 27.42
C ALA C 127 -47.75 -20.18 26.93
N LEU C 128 -46.86 -20.58 26.04
CA LEU C 128 -45.81 -19.70 25.55
C LEU C 128 -46.36 -18.84 24.41
N ALA C 129 -46.84 -19.51 23.36
CA ALA C 129 -47.44 -18.78 22.24
C ALA C 129 -48.57 -17.89 22.72
N GLY C 130 -49.32 -18.34 23.74
CA GLY C 130 -50.46 -17.58 24.24
C GLY C 130 -50.10 -16.25 24.87
N ALA C 131 -48.85 -16.07 25.31
CA ALA C 131 -48.40 -14.76 25.76
C ALA C 131 -48.61 -13.69 24.70
N LEU C 132 -48.56 -14.07 23.44
CA LEU C 132 -48.70 -13.12 22.35
C LEU C 132 -50.13 -12.64 22.18
N ALA C 133 -51.07 -13.29 22.87
CA ALA C 133 -52.50 -12.94 22.88
C ALA C 133 -52.80 -11.88 23.91
N GLY C 134 -51.78 -11.38 24.61
CA GLY C 134 -51.93 -10.40 25.67
C GLY C 134 -52.59 -9.18 25.06
N VAL C 135 -53.37 -8.42 25.82
CA VAL C 135 -54.26 -7.44 25.16
C VAL C 135 -53.61 -6.06 24.93
N GLY C 136 -52.85 -5.56 25.90
CA GLY C 136 -52.22 -4.25 25.83
C GLY C 136 -50.83 -4.36 25.24
N ASP C 137 -49.92 -3.46 25.60
CA ASP C 137 -48.51 -3.66 25.28
C ASP C 137 -48.01 -4.95 25.91
N LEU C 138 -47.35 -5.76 25.11
CA LEU C 138 -46.75 -6.96 25.70
C LEU C 138 -45.49 -6.60 26.49
N PRO C 139 -45.17 -7.36 27.54
CA PRO C 139 -43.87 -7.16 28.17
C PRO C 139 -42.76 -7.59 27.23
N ARG C 140 -41.56 -7.07 27.47
CA ARG C 140 -40.41 -7.42 26.64
C ARG C 140 -39.93 -8.84 26.90
N PHE C 141 -39.94 -9.26 28.16
CA PHE C 141 -39.45 -10.58 28.57
C PHE C 141 -40.49 -11.29 29.42
N LEU C 142 -40.56 -12.62 29.29
CA LEU C 142 -41.27 -13.48 30.23
C LEU C 142 -40.25 -14.12 31.17
N ASP C 143 -40.76 -14.78 32.22
CA ASP C 143 -39.91 -15.59 33.08
C ASP C 143 -39.16 -16.65 32.26
N ALA C 144 -38.02 -17.09 32.82
CA ALA C 144 -37.31 -18.23 32.24
C ALA C 144 -38.25 -19.42 32.08
N ILE C 145 -38.02 -20.23 31.06
CA ILE C 145 -38.70 -21.52 30.95
C ILE C 145 -37.78 -22.68 31.29
N GLY C 146 -36.47 -22.45 31.43
CA GLY C 146 -35.50 -23.50 31.62
C GLY C 146 -35.55 -24.17 32.99
N SER C 147 -34.77 -25.26 33.08
CA SER C 147 -34.56 -26.06 34.31
C SER C 147 -35.82 -26.69 34.86
N ASP C 148 -36.78 -27.04 34.00
CA ASP C 148 -37.87 -27.93 34.46
C ASP C 148 -37.30 -29.34 34.54
N ILE C 149 -36.74 -29.65 35.71
CA ILE C 149 -35.99 -30.88 35.96
C ILE C 149 -36.47 -31.47 37.27
N LYS C 150 -36.79 -32.77 37.26
CA LYS C 150 -37.27 -33.42 38.47
C LYS C 150 -36.11 -33.76 39.42
N LYS C 151 -35.03 -34.29 38.86
CA LYS C 151 -33.78 -34.59 39.55
C LYS C 151 -33.23 -33.37 40.31
N PRO C 152 -32.82 -33.53 41.58
CA PRO C 152 -32.22 -32.43 42.33
C PRO C 152 -30.79 -32.14 41.90
N GLY C 153 -30.33 -30.93 42.24
CA GLY C 153 -28.93 -30.58 42.15
C GLY C 153 -28.44 -30.32 40.74
N VAL C 154 -29.35 -30.10 39.82
CA VAL C 154 -29.04 -29.89 38.41
C VAL C 154 -29.66 -28.58 37.95
N LYS C 155 -28.84 -27.73 37.35
CA LYS C 155 -29.25 -26.44 36.77
C LYS C 155 -29.00 -26.47 35.27
N GLU C 156 -30.05 -26.28 34.48
CA GLU C 156 -29.84 -26.15 33.05
C GLU C 156 -29.17 -24.81 32.75
N LEU C 157 -28.16 -24.83 31.87
CA LEU C 157 -27.57 -23.59 31.37
C LEU C 157 -28.50 -23.04 30.29
N ALA C 158 -29.46 -22.24 30.72
CA ALA C 158 -30.45 -21.62 29.84
C ALA C 158 -30.69 -20.22 30.36
N TYR C 159 -31.28 -19.36 29.53
CA TYR C 159 -31.40 -17.95 29.89
C TYR C 159 -32.40 -17.77 31.04
N GLU C 160 -32.17 -16.72 31.82
CA GLU C 160 -33.02 -16.38 32.95
C GLU C 160 -34.23 -15.54 32.56
N LYS C 161 -34.34 -15.13 31.29
CA LYS C 161 -35.47 -14.38 30.77
C LYS C 161 -35.82 -14.96 29.40
N THR C 162 -37.09 -14.92 29.04
CA THR C 162 -37.51 -15.39 27.72
C THR C 162 -37.90 -14.19 26.86
N PRO C 163 -37.20 -13.90 25.75
CA PRO C 163 -37.58 -12.76 24.92
C PRO C 163 -38.93 -12.98 24.22
N VAL C 164 -39.86 -12.06 24.44
CA VAL C 164 -41.16 -12.17 23.78
C VAL C 164 -41.02 -12.09 22.27
N LYS C 165 -40.07 -11.27 21.78
CA LYS C 165 -39.83 -11.20 20.33
C LYS C 165 -39.49 -12.57 19.75
N SER C 166 -38.82 -13.43 20.52
CA SER C 166 -38.45 -14.74 19.99
C SER C 166 -39.63 -15.70 19.94
N ILE C 167 -40.72 -15.41 20.66
CA ILE C 167 -41.83 -16.34 20.69
C ILE C 167 -42.45 -16.47 19.32
N GLY C 168 -42.58 -15.35 18.59
CA GLY C 168 -43.08 -15.43 17.23
C GLY C 168 -42.22 -16.31 16.35
N GLU C 169 -40.92 -16.38 16.65
CA GLU C 169 -40.03 -17.19 15.82
C GLU C 169 -40.27 -18.67 16.08
N ILE C 170 -40.35 -19.05 17.35
CA ILE C 170 -40.61 -20.47 17.62
C ILE C 170 -42.02 -20.87 17.15
N THR C 171 -43.01 -19.97 17.25
CA THR C 171 -44.33 -20.35 16.75
C THR C 171 -44.31 -20.53 15.24
N GLU C 172 -43.58 -19.65 14.52
CA GLU C 172 -43.44 -19.84 13.08
C GLU C 172 -42.81 -21.20 12.77
N LEU C 173 -41.74 -21.54 13.49
CA LEU C 173 -41.07 -22.83 13.26
C LEU C 173 -42.03 -23.99 13.52
N MET C 174 -42.75 -23.95 14.65
CA MET C 174 -43.64 -25.05 15.00
C MET C 174 -44.74 -25.20 13.95
N LYS C 175 -45.30 -24.09 13.48
CA LYS C 175 -46.31 -24.17 12.42
C LYS C 175 -45.76 -24.88 11.20
N LYS C 176 -44.57 -24.49 10.73
CA LYS C 176 -43.98 -25.08 9.52
C LYS C 176 -43.75 -26.58 9.69
N VAL C 177 -43.15 -26.97 10.82
CA VAL C 177 -42.80 -28.37 11.04
C VAL C 177 -44.06 -29.22 11.19
N LYS C 178 -45.04 -28.70 11.93
CA LYS C 178 -46.30 -29.42 12.12
C LYS C 178 -46.97 -29.66 10.78
N GLY C 179 -47.00 -28.64 9.92
CA GLY C 179 -47.64 -28.81 8.62
C GLY C 179 -46.94 -29.80 7.72
N ASP C 180 -45.65 -30.06 7.95
CA ASP C 180 -44.89 -30.98 7.08
C ASP C 180 -44.63 -32.34 7.70
N LEU C 181 -45.30 -32.68 8.80
CA LEU C 181 -45.01 -33.96 9.48
C LEU C 181 -45.18 -35.20 8.58
N GLU C 182 -46.06 -35.15 7.56
CA GLU C 182 -46.19 -36.32 6.69
C GLU C 182 -44.93 -36.60 5.87
N LYS C 183 -44.05 -35.62 5.74
CA LYS C 183 -42.79 -35.84 5.04
C LYS C 183 -41.76 -36.63 5.86
N VAL C 184 -41.99 -36.87 7.15
CA VAL C 184 -41.10 -37.66 7.97
C VAL C 184 -41.39 -39.11 7.65
N ASN C 185 -40.34 -39.78 7.08
CA ASN C 185 -40.30 -41.22 6.55
C ASN C 185 -39.68 -42.17 7.47
N CYS C 186 -38.58 -41.65 7.98
CA CYS C 186 -37.45 -42.43 8.41
C CYS C 186 -37.80 -43.00 9.76
N PRO C 187 -37.11 -44.06 10.16
CA PRO C 187 -37.34 -44.62 11.49
C PRO C 187 -37.30 -43.52 12.55
N ALA C 188 -38.23 -43.61 13.51
CA ALA C 188 -38.40 -42.57 14.53
C ALA C 188 -38.57 -43.20 15.90
N LEU C 189 -37.75 -42.76 16.84
CA LEU C 189 -37.87 -43.10 18.26
C LEU C 189 -38.22 -41.81 19.02
N ILE C 190 -39.49 -41.67 19.42
CA ILE C 190 -40.01 -40.44 20.03
C ILE C 190 -40.05 -40.62 21.55
N PHE C 191 -39.30 -39.81 22.28
CA PHE C 191 -39.32 -39.80 23.74
C PHE C 191 -40.21 -38.68 24.24
N VAL C 192 -41.00 -38.93 25.28
CA VAL C 192 -41.81 -37.89 25.89
C VAL C 192 -41.86 -38.11 27.40
N SER C 193 -41.71 -37.03 28.16
CA SER C 193 -41.88 -37.11 29.61
C SER C 193 -43.36 -37.17 29.98
N LYS C 194 -43.71 -38.11 30.87
CA LYS C 194 -45.10 -38.23 31.31
C LYS C 194 -45.59 -36.92 31.91
N GLU C 195 -44.75 -36.26 32.68
CA GLU C 195 -45.03 -34.94 33.22
C GLU C 195 -44.02 -34.00 32.57
N ASP C 196 -44.52 -32.98 31.89
CA ASP C 196 -43.66 -31.99 31.26
C ASP C 196 -44.35 -30.66 31.49
N HIS C 197 -43.69 -29.73 32.17
CA HIS C 197 -44.29 -28.46 32.54
C HIS C 197 -44.04 -27.37 31.53
N VAL C 198 -43.44 -27.71 30.39
CA VAL C 198 -43.05 -26.75 29.37
C VAL C 198 -43.73 -27.06 28.03
N VAL C 199 -43.62 -28.30 27.57
CA VAL C 199 -44.20 -28.75 26.32
C VAL C 199 -45.26 -29.81 26.66
N PRO C 200 -46.53 -29.57 26.35
CA PRO C 200 -47.58 -30.57 26.65
C PRO C 200 -47.21 -31.94 26.08
N PRO C 201 -47.21 -32.98 26.91
CA PRO C 201 -46.84 -34.32 26.42
C PRO C 201 -47.67 -34.79 25.23
N SER C 202 -48.90 -34.28 25.08
CA SER C 202 -49.73 -34.65 23.95
C SER C 202 -49.05 -34.29 22.62
N ASN C 203 -48.12 -33.31 22.61
CA ASN C 203 -47.35 -33.02 21.40
C ASN C 203 -46.77 -34.29 20.81
N SER C 204 -46.09 -35.08 21.64
CA SER C 204 -45.37 -36.21 21.09
C SER C 204 -46.34 -37.25 20.54
N GLN C 205 -47.51 -37.38 21.17
CA GLN C 205 -48.48 -38.32 20.63
C GLN C 205 -48.95 -37.83 19.26
N GLU C 206 -49.21 -36.53 19.10
CA GLU C 206 -49.63 -36.07 17.79
C GLU C 206 -48.51 -36.28 16.78
N ILE C 207 -47.25 -36.06 17.18
CA ILE C 207 -46.16 -36.27 16.25
C ILE C 207 -46.14 -37.73 15.82
N TYR C 208 -46.24 -38.63 16.80
CA TYR C 208 -46.22 -40.06 16.51
C TYR C 208 -47.28 -40.40 15.48
N SER C 209 -48.48 -39.85 15.67
CA SER C 209 -49.59 -40.23 14.81
C SER C 209 -49.48 -39.61 13.43
N SER C 210 -48.74 -38.49 13.29
CA SER C 210 -48.77 -37.73 12.05
C SER C 210 -47.65 -38.09 11.09
N ILE C 211 -46.49 -38.53 11.58
CA ILE C 211 -45.40 -38.89 10.67
C ILE C 211 -45.76 -40.19 9.94
N LYS C 212 -45.06 -40.45 8.83
CA LYS C 212 -45.37 -41.60 7.97
C LYS C 212 -44.33 -42.71 8.06
N SER C 213 -43.44 -42.65 9.05
CA SER C 213 -42.41 -43.67 9.24
C SER C 213 -42.99 -45.08 9.34
N ALA C 214 -42.35 -46.04 8.67
CA ALA C 214 -42.76 -47.43 8.79
C ALA C 214 -42.29 -48.05 10.11
N ALA C 215 -41.27 -47.50 10.73
CA ALA C 215 -40.78 -47.97 12.03
C ALA C 215 -40.79 -46.78 12.97
N LYS C 216 -41.73 -46.77 13.92
CA LYS C 216 -41.82 -45.66 14.86
C LYS C 216 -42.22 -46.20 16.23
N GLU C 217 -41.70 -45.56 17.27
CA GLU C 217 -41.94 -45.94 18.66
C GLU C 217 -42.15 -44.68 19.48
N LEU C 218 -43.04 -44.76 20.47
CA LEU C 218 -43.21 -43.72 21.47
C LEU C 218 -42.82 -44.29 22.84
N VAL C 219 -41.81 -43.68 23.46
CA VAL C 219 -41.30 -44.08 24.77
C VAL C 219 -41.63 -42.96 25.75
N THR C 220 -42.40 -43.26 26.78
N THR C 220 -42.34 -43.30 26.82
CA THR C 220 -42.67 -42.24 27.79
CA THR C 220 -42.71 -42.32 27.84
C THR C 220 -41.83 -42.48 29.04
C THR C 220 -41.83 -42.49 29.07
N LEU C 221 -41.26 -41.39 29.52
CA LEU C 221 -40.30 -41.36 30.62
C LEU C 221 -41.08 -41.02 31.89
N ASP C 222 -41.08 -41.93 32.85
CA ASP C 222 -42.02 -41.77 33.97
C ASP C 222 -41.44 -41.00 35.15
N ASN C 223 -40.14 -40.66 35.14
CA ASN C 223 -39.56 -40.01 36.31
C ASN C 223 -38.77 -38.74 35.94
N SER C 224 -39.19 -38.05 34.88
CA SER C 224 -38.50 -36.86 34.39
C SER C 224 -39.50 -35.78 34.02
N TYR C 225 -39.07 -34.52 34.16
CA TYR C 225 -39.85 -33.42 33.60
C TYR C 225 -39.25 -33.02 32.25
N HIS C 226 -39.37 -31.74 31.89
CA HIS C 226 -39.10 -31.34 30.50
C HIS C 226 -37.67 -31.63 30.06
N VAL C 227 -36.69 -31.27 30.87
CA VAL C 227 -35.30 -31.32 30.41
C VAL C 227 -34.78 -32.73 30.67
N ALA C 228 -35.37 -33.70 29.95
CA ALA C 228 -35.15 -35.10 30.27
C ALA C 228 -33.71 -35.52 30.02
N THR C 229 -33.00 -34.82 29.14
CA THR C 229 -31.60 -35.16 28.86
C THR C 229 -30.69 -34.92 30.06
N LEU C 230 -31.14 -34.14 31.06
CA LEU C 230 -30.38 -33.89 32.28
C LEU C 230 -31.07 -34.49 33.50
N ASP C 231 -32.13 -35.26 33.29
CA ASP C 231 -33.02 -35.67 34.36
C ASP C 231 -32.79 -37.13 34.75
N ASN C 232 -33.68 -37.64 35.62
CA ASN C 232 -33.54 -39.00 36.17
C ASN C 232 -33.48 -40.06 35.08
N ASP C 233 -34.19 -39.86 33.96
CA ASP C 233 -34.29 -40.90 32.92
C ASP C 233 -33.31 -40.69 31.78
N GLN C 234 -32.26 -39.89 31.99
CA GLN C 234 -31.21 -39.76 30.97
C GLN C 234 -30.72 -41.11 30.50
N ASP C 235 -30.57 -42.07 31.42
CA ASP C 235 -30.01 -43.37 31.03
C ASP C 235 -30.92 -44.09 30.04
N ILE C 236 -32.24 -43.92 30.20
CA ILE C 236 -33.17 -44.57 29.27
C ILE C 236 -33.06 -43.94 27.89
N ILE C 237 -32.98 -42.61 27.81
CA ILE C 237 -32.81 -41.94 26.52
C ILE C 237 -31.56 -42.48 25.82
N ILE C 238 -30.45 -42.50 26.55
CA ILE C 238 -29.18 -42.88 25.93
C ILE C 238 -29.22 -44.34 25.48
N GLU C 239 -29.64 -45.25 26.37
CA GLU C 239 -29.61 -46.67 26.03
C GLU C 239 -30.57 -46.98 24.89
N ARG C 240 -31.80 -46.46 24.94
CA ARG C 240 -32.76 -46.78 23.89
C ARG C 240 -32.33 -46.15 22.57
N THR C 241 -31.75 -44.94 22.61
CA THR C 241 -31.25 -44.37 21.35
C THR C 241 -30.14 -45.23 20.77
N LEU C 242 -29.18 -45.68 21.60
CA LEU C 242 -28.09 -46.50 21.07
C LEU C 242 -28.60 -47.82 20.50
N HIS C 243 -29.57 -48.44 21.18
N HIS C 243 -29.58 -48.43 21.18
CA HIS C 243 -30.14 -49.68 20.66
CA HIS C 243 -30.17 -49.68 20.68
C HIS C 243 -30.89 -49.44 19.35
C HIS C 243 -30.89 -49.44 19.35
N PHE C 244 -31.61 -48.32 19.26
CA PHE C 244 -32.33 -47.94 18.03
C PHE C 244 -31.35 -47.72 16.88
N LEU C 245 -30.29 -46.94 17.13
CA LEU C 245 -29.25 -46.73 16.13
C LEU C 245 -28.68 -48.06 15.64
N GLN C 246 -28.38 -48.96 16.58
CA GLN C 246 -27.80 -50.24 16.20
C GLN C 246 -28.77 -51.03 15.32
N ARG C 247 -30.05 -51.03 15.68
CA ARG C 247 -31.04 -51.79 14.92
C ARG C 247 -31.26 -51.19 13.52
N VAL C 248 -31.33 -49.87 13.41
CA VAL C 248 -31.43 -49.25 12.07
C VAL C 248 -30.20 -49.62 11.24
N LEU C 249 -29.02 -49.51 11.84
CA LEU C 249 -27.79 -49.81 11.11
C LEU C 249 -27.72 -51.28 10.66
N GLU C 250 -28.16 -52.22 11.51
CA GLU C 250 -28.01 -53.66 11.21
C GLU C 250 -28.94 -54.17 10.09
N THR C 251 -30.13 -53.55 9.94
CA THR C 251 -30.60 -53.25 8.57
C THR C 251 -29.60 -52.47 7.87
N MET D 1 23.29 14.16 -5.81
CA MET D 1 21.83 14.21 -5.82
C MET D 1 21.40 14.15 -7.29
N THR D 2 20.12 13.91 -7.55
CA THR D 2 19.52 14.06 -8.87
C THR D 2 18.30 14.96 -8.74
N GLU D 3 18.12 15.89 -9.69
CA GLU D 3 16.99 16.80 -9.64
C GLU D 3 15.66 16.08 -9.86
N THR D 4 14.67 16.39 -9.00
CA THR D 4 13.34 15.84 -9.14
C THR D 4 12.45 16.65 -10.06
N TYR D 5 12.66 18.01 -10.11
CA TYR D 5 11.76 18.89 -10.84
C TYR D 5 12.32 19.29 -12.20
N PRO D 6 11.45 19.55 -13.17
CA PRO D 6 11.92 20.00 -14.48
C PRO D 6 12.45 21.43 -14.41
N VAL D 7 13.24 21.80 -15.42
CA VAL D 7 13.74 23.17 -15.54
C VAL D 7 12.59 24.12 -15.84
N VAL D 8 12.46 25.18 -15.04
CA VAL D 8 11.38 26.14 -15.27
C VAL D 8 11.62 26.88 -16.59
N LYS D 9 10.54 27.20 -17.29
CA LYS D 9 10.68 27.88 -18.58
C LYS D 9 11.42 29.19 -18.39
N GLY D 10 12.45 29.40 -19.19
CA GLY D 10 13.31 30.57 -19.09
C GLY D 10 14.61 30.35 -18.34
N ALA D 11 14.74 29.25 -17.60
CA ALA D 11 15.94 28.96 -16.83
C ALA D 11 16.88 27.98 -17.53
N GLU D 12 16.67 27.73 -18.82
CA GLU D 12 17.51 26.78 -19.54
C GLU D 12 18.93 27.32 -19.73
N PRO D 13 19.94 26.45 -19.70
CA PRO D 13 21.31 26.88 -20.03
C PRO D 13 21.40 27.26 -21.50
N PHE D 14 22.42 28.04 -21.85
CA PHE D 14 22.59 28.44 -23.25
C PHE D 14 23.93 27.96 -23.80
N PHE D 15 23.90 27.41 -25.01
CA PHE D 15 25.07 26.91 -25.74
C PHE D 15 25.03 27.55 -27.12
N PHE D 16 25.68 28.69 -27.28
CA PHE D 16 25.68 29.46 -28.51
C PHE D 16 26.98 29.17 -29.28
N GLU D 17 26.87 28.53 -30.44
CA GLU D 17 28.02 28.19 -31.27
C GLU D 17 28.52 29.41 -32.04
N GLY D 18 29.79 29.77 -31.83
CA GLY D 18 30.34 30.92 -32.52
C GLY D 18 31.75 30.62 -33.00
N ASN D 19 32.64 31.59 -32.85
CA ASN D 19 33.99 31.45 -33.37
C ASN D 19 34.89 30.74 -32.35
N ASP D 20 36.20 30.83 -32.56
CA ASP D 20 37.21 30.08 -31.80
C ASP D 20 37.45 30.64 -30.41
N ILE D 21 36.78 31.73 -30.03
CA ILE D 21 36.93 32.33 -28.71
C ILE D 21 35.65 32.09 -27.93
N GLY D 22 35.80 31.56 -26.72
CA GLY D 22 34.67 31.13 -25.89
C GLY D 22 34.52 32.01 -24.66
N ILE D 23 33.28 32.33 -24.32
CA ILE D 23 32.93 33.05 -23.09
C ILE D 23 32.08 32.12 -22.23
N LEU D 24 32.54 31.83 -21.01
CA LEU D 24 31.78 31.08 -20.01
C LEU D 24 31.06 32.08 -19.10
N VAL D 25 29.74 31.96 -19.00
CA VAL D 25 28.90 32.99 -18.36
C VAL D 25 28.12 32.36 -17.22
N LEU D 26 28.40 32.76 -15.97
CA LEU D 26 27.99 32.01 -14.79
C LEU D 26 26.97 32.76 -13.94
N HIS D 27 25.91 32.08 -13.54
CA HIS D 27 24.88 32.63 -12.66
C HIS D 27 25.17 32.28 -11.20
N GLY D 28 24.39 32.87 -10.29
CA GLY D 28 24.62 32.77 -8.87
C GLY D 28 23.66 31.90 -8.08
N PHE D 29 23.81 32.00 -6.75
CA PHE D 29 23.16 31.19 -5.73
C PHE D 29 21.65 31.51 -5.68
N THR D 30 20.82 30.46 -5.85
CA THR D 30 19.34 30.45 -6.00
C THR D 30 18.87 30.99 -7.34
N GLY D 31 19.80 31.49 -8.17
CA GLY D 31 19.48 32.11 -9.46
C GLY D 31 19.46 31.09 -10.58
N SER D 32 19.58 31.56 -11.81
CA SER D 32 19.50 30.67 -12.97
C SER D 32 20.15 31.37 -14.16
N PRO D 33 20.32 30.67 -15.29
CA PRO D 33 20.89 31.33 -16.49
C PRO D 33 20.05 32.50 -17.00
N GLN D 34 18.78 32.63 -16.56
CA GLN D 34 17.94 33.73 -17.03
C GLN D 34 18.56 35.09 -16.70
N SER D 35 19.24 35.22 -15.57
CA SER D 35 19.88 36.49 -15.24
C SER D 35 21.06 36.79 -16.15
N MET D 36 21.59 35.78 -16.83
CA MET D 36 22.81 35.93 -17.61
C MET D 36 22.56 35.88 -19.11
N ARG D 37 21.39 35.41 -19.55
CA ARG D 37 21.16 35.17 -20.97
C ARG D 37 21.29 36.44 -21.83
N PRO D 38 20.82 37.63 -21.41
CA PRO D 38 21.05 38.82 -22.26
C PRO D 38 22.51 39.10 -22.54
N LEU D 39 23.39 38.94 -21.54
CA LEU D 39 24.82 39.06 -21.76
C LEU D 39 25.29 38.03 -22.78
N GLY D 40 24.86 36.78 -22.60
CA GLY D 40 25.23 35.71 -23.52
C GLY D 40 24.83 36.02 -24.95
N GLU D 41 23.61 36.54 -25.14
CA GLU D 41 23.16 36.89 -26.48
C GLU D 41 24.03 38.00 -27.06
N ALA D 42 24.33 39.03 -26.27
CA ALA D 42 25.17 40.12 -26.78
C ALA D 42 26.56 39.62 -27.15
N TYR D 43 27.17 38.78 -26.31
CA TYR D 43 28.51 38.27 -26.62
C TYR D 43 28.47 37.35 -27.83
N HIS D 44 27.41 36.57 -27.99
CA HIS D 44 27.29 35.74 -29.19
C HIS D 44 27.13 36.60 -30.45
N GLU D 45 26.37 37.70 -30.37
CA GLU D 45 26.19 38.59 -31.52
C GLU D 45 27.52 39.23 -31.94
N ALA D 46 28.45 39.39 -31.00
CA ALA D 46 29.79 39.87 -31.33
C ALA D 46 30.66 38.79 -31.97
N GLY D 47 30.18 37.55 -32.07
CA GLY D 47 30.85 36.47 -32.77
C GLY D 47 31.33 35.32 -31.91
N TYR D 48 31.38 35.49 -30.59
CA TYR D 48 31.95 34.49 -29.69
C TYR D 48 31.07 33.25 -29.54
N THR D 49 31.72 32.11 -29.27
CA THR D 49 31.05 30.96 -28.69
C THR D 49 30.74 31.27 -27.23
N VAL D 50 29.54 30.94 -26.78
CA VAL D 50 29.10 31.31 -25.43
C VAL D 50 28.50 30.09 -24.76
N CYS D 51 28.90 29.85 -23.51
CA CYS D 51 28.26 28.81 -22.69
C CYS D 51 27.77 29.40 -21.38
N GLY D 52 26.46 29.31 -21.13
CA GLY D 52 25.87 29.71 -19.87
C GLY D 52 25.24 28.54 -19.14
N PRO D 53 26.04 27.83 -18.33
CA PRO D 53 25.55 26.59 -17.72
C PRO D 53 24.55 26.89 -16.61
N ARG D 54 23.73 25.87 -16.34
CA ARG D 54 22.79 25.85 -15.21
C ARG D 54 23.42 25.09 -14.05
N LEU D 55 23.63 25.77 -12.92
CA LEU D 55 24.18 25.09 -11.75
C LEU D 55 23.21 24.00 -11.29
N LYS D 56 23.76 22.84 -10.90
CA LYS D 56 22.92 21.75 -10.39
C LYS D 56 22.00 22.23 -9.29
N GLY D 57 20.75 21.79 -9.36
CA GLY D 57 19.76 22.16 -8.37
C GLY D 57 19.20 23.55 -8.52
N HIS D 58 19.62 24.30 -9.55
CA HIS D 58 19.15 25.64 -9.84
C HIS D 58 18.23 25.63 -11.07
N GLY D 59 17.25 26.52 -11.06
CA GLY D 59 16.30 26.59 -12.16
C GLY D 59 15.27 25.48 -12.15
N THR D 60 15.12 24.74 -11.06
CA THR D 60 14.14 23.66 -10.97
C THR D 60 13.21 23.88 -9.80
N HIS D 61 13.71 23.65 -8.58
CA HIS D 61 12.93 23.82 -7.36
C HIS D 61 13.91 24.01 -6.22
N TYR D 62 13.55 24.82 -5.23
CA TYR D 62 14.49 25.01 -4.13
C TYR D 62 14.71 23.74 -3.33
N GLU D 63 13.77 22.78 -3.38
CA GLU D 63 14.03 21.49 -2.75
C GLU D 63 15.13 20.71 -3.45
N ASP D 64 15.28 20.87 -4.77
CA ASP D 64 16.45 20.30 -5.44
C ASP D 64 17.71 21.00 -4.97
N MET D 65 17.68 22.33 -4.93
CA MET D 65 18.87 23.09 -4.54
C MET D 65 19.34 22.65 -3.16
N GLU D 66 18.39 22.40 -2.25
CA GLU D 66 18.69 22.03 -0.87
C GLU D 66 19.60 20.81 -0.81
N LYS D 67 19.49 19.90 -1.77
CA LYS D 67 20.25 18.66 -1.77
C LYS D 67 21.63 18.80 -2.41
N THR D 68 21.96 19.94 -3.03
CA THR D 68 23.21 20.08 -3.76
C THR D 68 24.34 20.60 -2.87
N THR D 69 25.56 20.40 -3.35
CA THR D 69 26.80 20.78 -2.68
C THR D 69 27.58 21.78 -3.51
N CYS D 70 28.56 22.42 -2.88
CA CYS D 70 29.34 23.35 -3.69
C CYS D 70 30.18 22.60 -4.73
N GLN D 71 30.54 21.34 -4.49
CA GLN D 71 31.19 20.56 -5.53
C GLN D 71 30.25 20.31 -6.72
N ASP D 72 28.95 20.08 -6.48
CA ASP D 72 28.00 19.98 -7.60
C ASP D 72 28.06 21.23 -8.47
N TRP D 73 28.09 22.41 -7.83
CA TRP D 73 28.10 23.66 -8.59
C TRP D 73 29.39 23.82 -9.37
N ILE D 74 30.52 23.52 -8.73
CA ILE D 74 31.80 23.52 -9.44
C ILE D 74 31.73 22.58 -10.65
N ASP D 75 31.15 21.39 -10.47
CA ASP D 75 31.11 20.42 -11.56
C ASP D 75 30.28 20.96 -12.72
N SER D 76 29.18 21.66 -12.44
CA SER D 76 28.38 22.28 -13.51
C SER D 76 29.20 23.30 -14.30
N VAL D 77 29.98 24.11 -13.58
CA VAL D 77 30.83 25.12 -14.22
C VAL D 77 31.91 24.45 -15.07
N GLU D 78 32.59 23.47 -14.49
CA GLU D 78 33.67 22.76 -15.18
C GLU D 78 33.13 22.08 -16.44
N ALA D 79 31.91 21.55 -16.39
CA ALA D 79 31.34 20.93 -17.59
C ALA D 79 31.12 21.98 -18.68
N GLY D 80 30.66 23.18 -18.28
CA GLY D 80 30.52 24.24 -19.30
C GLY D 80 31.87 24.62 -19.89
N TYR D 81 32.89 24.66 -19.03
CA TYR D 81 34.24 24.96 -19.47
C TYR D 81 34.73 23.90 -20.46
N GLU D 82 34.46 22.61 -20.18
CA GLU D 82 34.88 21.55 -21.08
C GLU D 82 34.18 21.63 -22.42
N TRP D 83 32.88 21.98 -22.42
CA TRP D 83 32.19 22.18 -23.70
C TRP D 83 32.88 23.27 -24.50
N LEU D 84 33.21 24.40 -23.87
CA LEU D 84 33.95 25.43 -24.61
C LEU D 84 35.31 24.93 -25.10
N LYS D 85 36.04 24.20 -24.26
CA LYS D 85 37.39 23.77 -24.66
C LYS D 85 37.36 22.86 -25.87
N ASN D 86 36.28 22.12 -26.05
CA ASN D 86 36.14 21.23 -27.21
C ASN D 86 35.98 22.02 -28.50
N ARG D 87 35.63 23.31 -28.42
N ARG D 87 35.65 23.30 -28.39
CA ARG D 87 35.31 24.15 -29.57
CA ARG D 87 35.22 24.15 -29.49
C ARG D 87 36.28 25.29 -29.77
C ARG D 87 36.11 25.37 -29.70
N CYS D 88 36.94 25.73 -28.71
CA CYS D 88 37.56 27.05 -28.63
C CYS D 88 38.98 26.92 -28.12
N GLY D 89 39.87 27.74 -28.65
CA GLY D 89 41.24 27.77 -28.18
C GLY D 89 41.55 28.81 -27.14
N THR D 90 40.65 29.78 -26.95
CA THR D 90 40.83 30.91 -26.04
C THR D 90 39.54 31.07 -25.26
N ILE D 91 39.60 31.12 -23.93
CA ILE D 91 38.37 31.17 -23.12
C ILE D 91 38.45 32.28 -22.07
N PHE D 92 37.36 33.05 -21.95
CA PHE D 92 37.16 34.08 -20.93
C PHE D 92 36.00 33.66 -20.03
N VAL D 93 35.98 34.12 -18.78
CA VAL D 93 34.91 33.74 -17.86
C VAL D 93 34.37 35.00 -17.20
N THR D 94 33.04 35.06 -17.06
CA THR D 94 32.33 36.15 -16.41
C THR D 94 31.17 35.56 -15.63
N GLY D 95 30.73 36.25 -14.59
CA GLY D 95 29.66 35.71 -13.77
C GLY D 95 29.21 36.68 -12.72
N LEU D 96 27.96 36.49 -12.26
CA LEU D 96 27.29 37.35 -11.30
C LEU D 96 27.24 36.69 -9.91
N SER D 97 27.72 37.42 -8.89
CA SER D 97 27.53 37.07 -7.48
C SER D 97 28.29 35.77 -7.19
N MET D 98 27.61 34.68 -6.82
CA MET D 98 28.34 33.41 -6.71
C MET D 98 28.88 32.94 -8.05
N GLY D 99 28.26 33.35 -9.17
CA GLY D 99 28.89 33.11 -10.46
C GLY D 99 30.18 33.88 -10.63
N GLY D 100 30.27 35.05 -9.99
CA GLY D 100 31.54 35.75 -9.93
C GLY D 100 32.53 35.05 -9.02
N THR D 101 32.05 34.52 -7.89
CA THR D 101 32.90 33.66 -7.07
C THR D 101 33.41 32.50 -7.90
N LEU D 102 32.53 31.90 -8.72
CA LEU D 102 32.96 30.75 -9.50
C LEU D 102 33.88 31.18 -10.63
N THR D 103 33.71 32.42 -11.11
CA THR D 103 34.64 32.97 -12.09
C THR D 103 36.05 33.01 -11.50
N LEU D 104 36.16 33.52 -10.27
CA LEU D 104 37.46 33.58 -9.63
C LEU D 104 38.00 32.18 -9.39
N TYR D 105 37.12 31.26 -8.97
CA TYR D 105 37.53 29.86 -8.80
C TYR D 105 38.19 29.37 -10.07
N MET D 106 37.56 29.63 -11.22
CA MET D 106 38.09 29.08 -12.47
C MET D 106 39.47 29.67 -12.77
N ALA D 107 39.63 30.99 -12.56
CA ALA D 107 40.96 31.58 -12.78
C ALA D 107 41.99 31.02 -11.80
N GLU D 108 41.55 30.61 -10.61
CA GLU D 108 42.48 30.07 -9.61
C GLU D 108 42.94 28.67 -9.98
N HIS D 109 42.17 27.95 -10.81
CA HIS D 109 42.50 26.56 -11.11
C HIS D 109 42.89 26.31 -12.56
N HIS D 110 42.73 27.29 -13.44
CA HIS D 110 42.95 27.11 -14.87
C HIS D 110 43.75 28.29 -15.36
N PRO D 111 45.08 28.22 -15.29
CA PRO D 111 45.90 29.39 -15.64
C PRO D 111 45.84 29.74 -17.10
N GLU D 112 45.29 28.87 -17.95
CA GLU D 112 45.17 29.20 -19.37
C GLU D 112 44.03 30.18 -19.66
N ILE D 113 43.09 30.40 -18.73
CA ILE D 113 41.99 31.33 -18.98
C ILE D 113 42.58 32.71 -19.26
N CYS D 114 42.07 33.36 -20.32
N CYS D 114 42.11 33.34 -20.32
CA CYS D 114 42.71 34.57 -20.81
CA CYS D 114 42.77 34.56 -20.77
C CYS D 114 42.27 35.83 -20.07
C CYS D 114 42.26 35.84 -20.09
N GLY D 115 41.13 35.79 -19.40
CA GLY D 115 40.69 36.96 -18.64
C GLY D 115 39.35 36.68 -18.00
N ILE D 116 39.01 37.51 -17.01
CA ILE D 116 37.79 37.31 -16.22
C ILE D 116 37.07 38.63 -16.00
N ALA D 117 35.74 38.54 -15.86
CA ALA D 117 34.91 39.70 -15.55
C ALA D 117 33.87 39.35 -14.49
N PRO D 118 34.28 39.28 -13.23
CA PRO D 118 33.31 39.02 -12.15
C PRO D 118 32.47 40.25 -11.89
N ILE D 119 31.20 40.01 -11.57
CA ILE D 119 30.21 41.05 -11.34
C ILE D 119 29.59 40.81 -9.98
N ASN D 120 29.76 41.79 -9.07
CA ASN D 120 29.26 41.68 -7.69
C ASN D 120 29.64 40.34 -7.06
N ALA D 121 30.86 39.89 -7.33
CA ALA D 121 31.34 38.61 -6.81
C ALA D 121 31.39 38.61 -5.28
N ALA D 122 31.17 37.44 -4.68
CA ALA D 122 31.04 37.29 -3.24
C ALA D 122 32.21 36.50 -2.64
N ILE D 123 32.90 37.09 -1.67
CA ILE D 123 33.79 36.32 -0.80
C ILE D 123 33.39 36.43 0.67
N ASN D 124 32.52 37.37 1.05
CA ASN D 124 32.03 37.52 2.41
C ASN D 124 30.58 37.99 2.33
N MET D 125 29.64 37.21 2.86
CA MET D 125 28.22 37.58 2.90
C MET D 125 27.73 37.46 4.33
N PRO D 126 28.05 38.46 5.17
CA PRO D 126 27.74 38.34 6.61
C PRO D 126 26.26 38.19 6.93
N ALA D 127 25.35 38.74 6.12
CA ALA D 127 23.92 38.59 6.41
C ALA D 127 23.43 37.18 6.12
N LEU D 128 23.99 36.52 5.10
CA LEU D 128 23.58 35.18 4.69
C LEU D 128 24.32 34.13 5.52
N ALA D 129 25.66 34.17 5.50
CA ALA D 129 26.42 33.27 6.36
C ALA D 129 26.00 33.42 7.82
N GLY D 130 25.68 34.63 8.24
CA GLY D 130 25.31 34.88 9.64
C GLY D 130 24.05 34.18 10.10
N ALA D 131 23.17 33.78 9.16
CA ALA D 131 22.00 33.00 9.56
C ALA D 131 22.42 31.72 10.28
N LEU D 132 23.61 31.19 9.99
CA LEU D 132 24.05 29.95 10.60
C LEU D 132 24.49 30.15 12.04
N ALA D 133 24.58 31.41 12.49
CA ALA D 133 24.95 31.75 13.85
C ALA D 133 23.75 31.80 14.77
N GLY D 134 22.54 31.50 14.27
CA GLY D 134 21.38 31.49 15.14
C GLY D 134 21.46 30.46 16.27
N VAL D 135 20.82 30.79 17.39
CA VAL D 135 20.77 29.91 18.55
C VAL D 135 19.63 28.91 18.39
N GLY D 136 19.85 27.66 18.75
CA GLY D 136 18.74 26.73 18.70
C GLY D 136 18.53 26.14 17.31
N ASP D 137 17.34 25.57 17.13
CA ASP D 137 16.89 25.08 15.83
C ASP D 137 16.93 26.20 14.79
N LEU D 138 17.68 25.99 13.71
CA LEU D 138 17.65 26.94 12.61
C LEU D 138 16.40 26.73 11.77
N PRO D 139 15.87 27.78 11.13
CA PRO D 139 14.78 27.56 10.17
C PRO D 139 15.30 26.79 8.98
N ARG D 140 14.40 26.09 8.29
CA ARG D 140 14.80 25.34 7.11
C ARG D 140 15.09 26.25 5.92
N PHE D 141 14.29 27.31 5.77
CA PHE D 141 14.42 28.27 4.66
C PHE D 141 14.47 29.69 5.20
N LEU D 142 15.24 30.53 4.51
CA LEU D 142 15.17 31.98 4.66
C LEU D 142 14.36 32.58 3.51
N ASP D 143 14.02 33.87 3.65
CA ASP D 143 13.45 34.64 2.56
C ASP D 143 14.32 34.53 1.31
N ALA D 144 13.69 34.73 0.15
CA ALA D 144 14.42 34.85 -1.10
C ALA D 144 15.47 35.94 -0.99
N ILE D 145 16.60 35.75 -1.68
CA ILE D 145 17.56 36.84 -1.84
C ILE D 145 17.48 37.46 -3.24
N GLY D 146 16.74 36.85 -4.16
CA GLY D 146 16.73 37.28 -5.54
C GLY D 146 15.99 38.59 -5.78
N SER D 147 16.14 39.08 -7.01
CA SER D 147 15.44 40.26 -7.53
C SER D 147 15.81 41.54 -6.80
N ASP D 148 17.03 41.66 -6.28
CA ASP D 148 17.51 42.97 -5.81
C ASP D 148 17.92 43.75 -7.06
N ILE D 149 16.95 44.47 -7.63
CA ILE D 149 17.12 45.14 -8.92
C ILE D 149 16.53 46.54 -8.81
N LYS D 150 17.28 47.55 -9.24
CA LYS D 150 16.78 48.92 -9.15
C LYS D 150 15.76 49.19 -10.26
N LYS D 151 16.07 48.79 -11.48
CA LYS D 151 15.16 48.87 -12.61
C LYS D 151 13.81 48.22 -12.29
N PRO D 152 12.68 48.87 -12.59
CA PRO D 152 11.35 48.28 -12.36
C PRO D 152 10.99 47.20 -13.37
N GLY D 153 10.00 46.38 -12.96
CA GLY D 153 9.35 45.50 -13.91
C GLY D 153 10.14 44.30 -14.31
N VAL D 154 11.19 43.96 -13.56
CA VAL D 154 12.05 42.83 -13.88
C VAL D 154 11.93 41.84 -12.74
N LYS D 155 11.59 40.62 -13.07
CA LYS D 155 11.51 39.56 -12.06
C LYS D 155 12.64 38.62 -12.40
N GLU D 156 13.61 38.50 -11.49
CA GLU D 156 14.65 37.51 -11.68
C GLU D 156 14.07 36.12 -11.52
N LEU D 157 14.42 35.21 -12.42
CA LEU D 157 14.06 33.81 -12.24
C LEU D 157 15.02 33.21 -11.23
N ALA D 158 14.66 33.39 -9.95
CA ALA D 158 15.42 32.87 -8.81
C ALA D 158 14.40 32.36 -7.80
N TYR D 159 14.85 31.51 -6.88
CA TYR D 159 13.91 30.84 -5.99
C TYR D 159 13.28 31.82 -5.00
N GLU D 160 12.07 31.46 -4.55
CA GLU D 160 11.33 32.29 -3.59
C GLU D 160 11.72 31.98 -2.15
N LYS D 161 12.52 30.95 -1.92
CA LYS D 161 13.03 30.60 -0.61
C LYS D 161 14.51 30.26 -0.74
N THR D 162 15.29 30.55 0.29
CA THR D 162 16.72 30.22 0.32
C THR D 162 16.97 29.06 1.25
N PRO D 163 17.44 27.91 0.78
CA PRO D 163 17.67 26.76 1.69
C PRO D 163 18.85 27.03 2.62
N VAL D 164 18.57 26.93 3.92
CA VAL D 164 19.62 27.10 4.93
C VAL D 164 20.69 26.03 4.79
N LYS D 165 20.30 24.82 4.40
CA LYS D 165 21.30 23.77 4.18
C LYS D 165 22.32 24.20 3.13
N SER D 166 21.90 25.00 2.14
CA SER D 166 22.79 25.43 1.06
C SER D 166 23.75 26.53 1.50
N ILE D 167 23.45 27.23 2.61
CA ILE D 167 24.30 28.34 3.01
C ILE D 167 25.69 27.85 3.38
N GLY D 168 25.79 26.69 4.05
CA GLY D 168 27.10 26.12 4.34
C GLY D 168 27.90 25.81 3.10
N GLU D 169 27.23 25.49 2.00
CA GLU D 169 27.92 25.18 0.75
C GLU D 169 28.51 26.45 0.13
N ILE D 170 27.72 27.53 0.07
CA ILE D 170 28.30 28.76 -0.47
C ILE D 170 29.40 29.30 0.45
N THR D 171 29.26 29.15 1.78
CA THR D 171 30.34 29.65 2.64
C THR D 171 31.62 28.85 2.41
N GLU D 172 31.51 27.52 2.23
CA GLU D 172 32.69 26.73 1.92
C GLU D 172 33.34 27.21 0.62
N LEU D 173 32.53 27.47 -0.41
CA LEU D 173 33.08 27.92 -1.67
C LEU D 173 33.79 29.26 -1.50
N MET D 174 33.13 30.22 -0.82
CA MET D 174 33.74 31.54 -0.64
C MET D 174 35.03 31.47 0.16
N LYS D 175 35.09 30.66 1.21
CA LYS D 175 36.35 30.49 1.94
C LYS D 175 37.47 29.99 1.03
N LYS D 176 37.18 28.96 0.21
CA LYS D 176 38.22 28.41 -0.67
C LYS D 176 38.71 29.47 -1.66
N VAL D 177 37.76 30.15 -2.31
CA VAL D 177 38.12 31.11 -3.36
C VAL D 177 38.87 32.30 -2.76
N LYS D 178 38.38 32.80 -1.61
CA LYS D 178 39.07 33.88 -0.90
C LYS D 178 40.49 33.49 -0.59
N GLY D 179 40.69 32.26 -0.10
CA GLY D 179 42.04 31.84 0.27
C GLY D 179 42.97 31.74 -0.91
N ASP D 180 42.44 31.55 -2.13
CA ASP D 180 43.28 31.33 -3.30
C ASP D 180 43.38 32.53 -4.22
N LEU D 181 42.91 33.71 -3.80
CA LEU D 181 42.86 34.87 -4.68
C LEU D 181 44.23 35.26 -5.28
N GLU D 182 45.33 34.97 -4.59
CA GLU D 182 46.65 35.28 -5.17
C GLU D 182 46.96 34.45 -6.40
N LYS D 183 46.25 33.35 -6.63
CA LYS D 183 46.48 32.55 -7.83
C LYS D 183 45.84 33.16 -9.08
N VAL D 184 44.99 34.20 -8.92
CA VAL D 184 44.37 34.87 -10.07
C VAL D 184 45.39 35.84 -10.65
N ASN D 185 45.84 35.61 -11.88
CA ASN D 185 46.76 36.56 -12.47
C ASN D 185 46.45 36.89 -13.93
N CYS D 186 45.34 36.39 -14.49
CA CYS D 186 44.92 36.82 -15.82
C CYS D 186 44.30 38.22 -15.73
N PRO D 187 44.22 38.95 -16.85
CA PRO D 187 43.53 40.25 -16.82
C PRO D 187 42.14 40.13 -16.21
N ALA D 188 41.76 41.14 -15.43
CA ALA D 188 40.51 41.12 -14.68
C ALA D 188 39.79 42.47 -14.77
N LEU D 189 38.53 42.41 -15.17
CA LEU D 189 37.63 43.55 -15.18
C LEU D 189 36.55 43.28 -14.13
N ILE D 190 36.63 43.95 -12.98
CA ILE D 190 35.75 43.68 -11.84
C ILE D 190 34.64 44.73 -11.81
N PHE D 191 33.40 44.29 -11.96
CA PHE D 191 32.23 45.18 -11.84
C PHE D 191 31.63 45.08 -10.44
N VAL D 192 31.21 46.22 -9.90
CA VAL D 192 30.55 46.24 -8.61
C VAL D 192 29.48 47.32 -8.61
N SER D 193 28.30 47.00 -8.07
CA SER D 193 27.26 48.01 -7.90
C SER D 193 27.55 48.88 -6.68
N LYS D 194 27.43 50.20 -6.85
CA LYS D 194 27.63 51.11 -5.72
C LYS D 194 26.72 50.74 -4.57
N GLU D 195 25.47 50.44 -4.87
CA GLU D 195 24.50 49.97 -3.89
C GLU D 195 24.18 48.53 -4.27
N ASP D 196 24.45 47.61 -3.37
CA ASP D 196 24.15 46.21 -3.54
C ASP D 196 23.61 45.75 -2.20
N HIS D 197 22.38 45.24 -2.18
CA HIS D 197 21.73 44.85 -0.93
C HIS D 197 21.91 43.39 -0.61
N VAL D 198 22.74 42.67 -1.36
CA VAL D 198 22.91 41.23 -1.20
C VAL D 198 24.36 40.88 -0.91
N VAL D 199 25.28 41.42 -1.70
CA VAL D 199 26.72 41.20 -1.51
C VAL D 199 27.34 42.55 -1.21
N PRO D 200 27.94 42.76 -0.03
CA PRO D 200 28.56 44.07 0.29
C PRO D 200 29.54 44.48 -0.80
N PRO D 201 29.38 45.69 -1.35
CA PRO D 201 30.30 46.14 -2.43
C PRO D 201 31.78 46.10 -2.04
N SER D 202 32.11 46.17 -0.75
CA SER D 202 33.51 46.06 -0.35
C SER D 202 34.14 44.74 -0.79
N ASN D 203 33.33 43.69 -1.01
CA ASN D 203 33.84 42.44 -1.57
C ASN D 203 34.69 42.71 -2.81
N SER D 204 34.16 43.49 -3.76
CA SER D 204 34.89 43.65 -5.01
C SER D 204 36.17 44.44 -4.79
N GLN D 205 36.17 45.38 -3.84
CA GLN D 205 37.43 46.07 -3.57
C GLN D 205 38.46 45.10 -3.02
N GLU D 206 38.05 44.23 -2.08
CA GLU D 206 39.00 43.28 -1.54
C GLU D 206 39.50 42.35 -2.64
N ILE D 207 38.60 41.92 -3.54
CA ILE D 207 39.05 41.04 -4.61
C ILE D 207 40.08 41.76 -5.46
N TYR D 208 39.76 43.01 -5.83
CA TYR D 208 40.67 43.79 -6.65
C TYR D 208 42.04 43.86 -5.99
N SER D 209 42.07 44.09 -4.67
CA SER D 209 43.35 44.29 -4.01
C SER D 209 44.10 42.98 -3.83
N SER D 210 43.40 41.84 -3.82
CA SER D 210 44.05 40.59 -3.44
C SER D 210 44.59 39.79 -4.63
N ILE D 211 43.98 39.96 -5.82
CA ILE D 211 44.46 39.19 -6.98
C ILE D 211 45.80 39.76 -7.46
N LYS D 212 46.51 38.97 -8.27
CA LYS D 212 47.86 39.32 -8.70
C LYS D 212 47.92 39.72 -10.17
N SER D 213 46.78 39.93 -10.81
CA SER D 213 46.74 40.34 -12.20
C SER D 213 47.55 41.61 -12.48
N ALA D 214 48.32 41.58 -13.58
CA ALA D 214 49.05 42.76 -14.01
C ALA D 214 48.16 43.80 -14.68
N ALA D 215 47.00 43.38 -15.18
CA ALA D 215 45.99 44.27 -15.78
C ALA D 215 44.70 44.02 -15.02
N LYS D 216 44.28 44.97 -14.17
CA LYS D 216 43.03 44.82 -13.44
C LYS D 216 42.38 46.18 -13.33
N GLU D 217 41.05 46.18 -13.36
CA GLU D 217 40.25 47.40 -13.30
C GLU D 217 39.04 47.16 -12.41
N LEU D 218 38.64 48.18 -11.64
CA LEU D 218 37.40 48.15 -10.87
C LEU D 218 36.42 49.18 -11.44
N VAL D 219 35.26 48.71 -11.89
CA VAL D 219 34.23 49.56 -12.47
C VAL D 219 33.03 49.57 -11.55
N THR D 220 32.64 50.74 -11.07
CA THR D 220 31.51 50.87 -10.16
C THR D 220 30.28 51.32 -10.94
N LEU D 221 29.17 50.59 -10.77
CA LEU D 221 27.91 50.82 -11.46
C LEU D 221 27.03 51.67 -10.55
N ASP D 222 26.67 52.86 -11.00
CA ASP D 222 26.03 53.84 -10.12
C ASP D 222 24.51 53.77 -10.13
N ASN D 223 23.89 52.97 -11.02
CA ASN D 223 22.44 52.98 -11.15
C ASN D 223 21.84 51.57 -11.11
N SER D 224 22.51 50.65 -10.42
CA SER D 224 22.10 49.26 -10.36
C SER D 224 22.21 48.76 -8.94
N TYR D 225 21.37 47.77 -8.60
CA TYR D 225 21.56 47.03 -7.35
C TYR D 225 22.25 45.69 -7.66
N HIS D 226 21.95 44.64 -6.89
CA HIS D 226 22.76 43.43 -6.95
C HIS D 226 22.71 42.75 -8.33
N VAL D 227 21.50 42.59 -8.89
CA VAL D 227 21.37 41.79 -10.11
C VAL D 227 21.66 42.69 -11.30
N ALA D 228 22.91 43.13 -11.42
CA ALA D 228 23.28 44.19 -12.35
C ALA D 228 23.15 43.76 -13.80
N THR D 229 23.25 42.47 -14.07
CA THR D 229 23.12 41.95 -15.43
C THR D 229 21.71 42.12 -15.99
N LEU D 230 20.72 42.40 -15.14
CA LEU D 230 19.35 42.67 -15.56
C LEU D 230 18.91 44.10 -15.24
N ASP D 231 19.82 44.97 -14.80
CA ASP D 231 19.48 46.23 -14.19
C ASP D 231 19.78 47.39 -15.16
N ASN D 232 19.64 48.63 -14.69
CA ASN D 232 19.79 49.81 -15.55
C ASN D 232 21.13 49.87 -16.26
N ASP D 233 22.20 49.36 -15.65
CA ASP D 233 23.56 49.49 -16.19
C ASP D 233 24.03 48.26 -16.97
N GLN D 234 23.10 47.38 -17.37
CA GLN D 234 23.46 46.23 -18.19
C GLN D 234 24.32 46.64 -19.37
N ASP D 235 23.99 47.78 -19.99
CA ASP D 235 24.70 48.18 -21.20
C ASP D 235 26.16 48.49 -20.89
N ILE D 236 26.44 49.04 -19.71
CA ILE D 236 27.83 49.30 -19.33
C ILE D 236 28.59 47.99 -19.15
N ILE D 237 27.98 47.01 -18.48
CA ILE D 237 28.63 45.71 -18.32
C ILE D 237 28.98 45.15 -19.69
N ILE D 238 28.00 45.13 -20.61
CA ILE D 238 28.23 44.49 -21.91
C ILE D 238 29.29 45.26 -22.70
N GLU D 239 29.17 46.60 -22.77
CA GLU D 239 30.10 47.35 -23.60
C GLU D 239 31.53 47.26 -23.06
N ARG D 240 31.70 47.44 -21.74
CA ARG D 240 33.06 47.40 -21.18
C ARG D 240 33.64 46.00 -21.29
N THR D 241 32.81 44.96 -21.09
CA THR D 241 33.33 43.60 -21.24
C THR D 241 33.78 43.35 -22.68
N LEU D 242 32.98 43.77 -23.66
CA LEU D 242 33.38 43.55 -25.04
C LEU D 242 34.66 44.30 -25.36
N HIS D 243 34.79 45.53 -24.86
CA HIS D 243 36.01 46.31 -25.12
C HIS D 243 37.22 45.65 -24.46
N PHE D 244 37.02 45.15 -23.25
CA PHE D 244 38.07 44.45 -22.50
C PHE D 244 38.51 43.19 -23.25
N LEU D 245 37.55 42.36 -23.66
CA LEU D 245 37.84 41.15 -24.43
C LEU D 245 38.63 41.49 -25.68
N GLN D 246 38.14 42.47 -26.44
CA GLN D 246 38.84 42.85 -27.67
C GLN D 246 40.25 43.29 -27.35
N ARG D 247 40.41 44.02 -26.25
CA ARG D 247 41.69 44.65 -26.03
C ARG D 247 42.69 43.57 -25.51
N VAL D 248 42.22 42.58 -24.75
CA VAL D 248 43.02 41.41 -24.35
C VAL D 248 43.42 40.59 -25.56
N LEU D 249 42.46 40.31 -26.45
CA LEU D 249 42.75 39.52 -27.63
C LEU D 249 43.78 40.20 -28.51
N GLU D 250 43.73 41.53 -28.59
CA GLU D 250 44.66 42.26 -29.44
C GLU D 250 46.08 42.20 -28.88
N THR D 251 46.27 41.91 -27.58
CA THR D 251 47.62 41.67 -27.02
C THR D 251 48.18 40.31 -27.42
C1 GOL E . -3.37 -12.03 8.28
O1 GOL E . -3.47 -11.64 9.56
C2 GOL E . -2.21 -11.22 7.76
O2 GOL E . -1.04 -11.97 7.52
C3 GOL E . -2.81 -10.56 6.54
O3 GOL E . -2.66 -9.23 6.79
C1 GOL F . 16.80 -0.03 -27.22
O1 GOL F . 17.99 -0.61 -26.75
C2 GOL F . 17.21 1.23 -27.97
O2 GOL F . 16.96 1.19 -29.40
C3 GOL F . 16.40 2.27 -27.18
O3 GOL F . 16.40 3.38 -27.93
C1 GOL G . -34.24 -25.23 26.84
O1 GOL G . -33.34 -26.21 26.58
C2 GOL G . -35.44 -25.95 27.44
O2 GOL G . -35.63 -25.73 28.85
C3 GOL G . -36.54 -25.40 26.60
O3 GOL G . -37.15 -26.52 26.08
C1 GOL H . 22.29 36.36 -7.25
O1 GOL H . 23.02 36.48 -6.07
C2 GOL H . 20.78 36.24 -6.80
O2 GOL H . 19.99 37.42 -7.10
C3 GOL H . 20.40 35.02 -7.61
O3 GOL H . 21.09 35.15 -8.82
#